data_2CU0
#
_entry.id   2CU0
#
_cell.length_a   123.666
_cell.length_b   123.666
_cell.length_c   130.053
_cell.angle_alpha   90.00
_cell.angle_beta   90.00
_cell.angle_gamma   90.00
#
_symmetry.space_group_name_H-M   'I 4'
#
loop_
_entity.id
_entity.type
_entity.pdbx_description
1 polymer "Inosine-5'-monophosphate dehydrogenase"
2 non-polymer "XANTHOSINE-5'-MONOPHOSPHATE"
3 water water
#
_entity_poly.entity_id   1
_entity_poly.type   'polypeptide(L)'
_entity_poly.pdbx_seq_one_letter_code
;MGKFVEKLEKAIKGYTFDDVLLIPQATEVEPKDVDVSTRITPNVKLNIPILSAAMDTVTEWEMAVAMAREGGLGVIHRNM
GIEEQVEQVKRVKRAERLIVEDVITIAPDETVDFALFLMEKHGIDGLPVVEDEKVVGIITKKDIAAREGKLVKELMTKEV
ITVPESIEVEEALKIMIENRIDRLPVVDERGKLVGLITMSDLVARKKYKNAVRDENGELLVAAAVSPFDIKRAIELDKAG
VDVIVVDTAHAHNLKAIKSMKEMRQKVDADFIVGNIANPKAVDDLTFADAVKVGIGPGSICTTRIVAGVGVPQITAVAMV
ADRAQEYGLYVIADGGIRYSGDIVKAIAAGADAVMLGNLLAGTKEAPGKEVIINGRKYKQYRGMGSLGAMMKGGAERYYQ
GGYMKTRKFVPEGVEGVVPYRGTVSEVLYQLVGGLKAGMGYVGARNIRELKEKGEFVIITHAGIKESHPHDIIITNEAPN
YPLEKF
;
_entity_poly.pdbx_strand_id   A,B
#
loop_
_chem_comp.id
_chem_comp.type
_chem_comp.name
_chem_comp.formula
XMP non-polymer XANTHOSINE-5'-MONOPHOSPHATE 'C10 H14 N4 O9 P 1'
#
# COMPACT_ATOMS: atom_id res chain seq x y z
N LYS A 3 12.19 48.49 26.36
CA LYS A 3 11.67 48.29 24.97
C LYS A 3 11.81 46.85 24.51
N PHE A 4 13.04 46.34 24.46
CA PHE A 4 13.27 44.98 24.04
C PHE A 4 12.78 43.99 25.09
N VAL A 5 12.95 44.33 26.35
CA VAL A 5 12.47 43.46 27.43
C VAL A 5 10.94 43.43 27.42
N GLU A 6 10.33 44.55 27.05
CA GLU A 6 8.87 44.60 27.01
C GLU A 6 8.34 43.71 25.89
N LYS A 7 9.13 43.53 24.83
CA LYS A 7 8.72 42.67 23.72
C LYS A 7 8.50 41.26 24.26
N LEU A 8 9.37 40.86 25.18
CA LEU A 8 9.30 39.54 25.78
C LEU A 8 8.20 39.50 26.85
N GLU A 9 8.13 40.54 27.68
CA GLU A 9 7.12 40.59 28.72
C GLU A 9 5.71 40.65 28.15
N LYS A 10 5.55 41.34 27.03
CA LYS A 10 4.22 41.46 26.41
C LYS A 10 3.95 40.38 25.36
N ALA A 11 4.93 39.52 25.13
CA ALA A 11 4.76 38.46 24.14
C ALA A 11 3.54 37.59 24.42
N ILE A 12 2.75 37.35 23.39
CA ILE A 12 1.57 36.51 23.54
C ILE A 12 2.04 35.06 23.58
N LYS A 13 1.26 34.20 24.22
CA LYS A 13 1.59 32.79 24.31
C LYS A 13 0.84 32.04 23.22
N GLY A 14 1.56 31.39 22.33
CA GLY A 14 0.92 30.68 21.24
C GLY A 14 0.80 29.18 21.41
N TYR A 15 -0.35 28.64 21.02
CA TYR A 15 -0.62 27.20 21.14
C TYR A 15 -0.80 26.50 19.81
N THR A 16 -0.36 25.25 19.75
CA THR A 16 -0.51 24.42 18.56
C THR A 16 -1.46 23.27 18.91
N PHE A 17 -1.77 22.42 17.94
CA PHE A 17 -2.68 21.31 18.14
C PHE A 17 -2.41 20.44 19.38
N ASP A 18 -1.16 20.02 19.56
CA ASP A 18 -0.83 19.17 20.71
C ASP A 18 -0.92 19.82 22.09
N ASP A 19 -1.02 21.15 22.15
CA ASP A 19 -1.12 21.84 23.43
C ASP A 19 -2.55 21.83 23.99
N VAL A 20 -3.52 21.41 23.17
CA VAL A 20 -4.89 21.43 23.64
C VAL A 20 -5.70 20.17 23.39
N LEU A 21 -6.77 20.03 24.17
CA LEU A 21 -7.70 18.93 24.04
C LEU A 21 -9.10 19.53 24.21
N LEU A 22 -10.10 18.91 23.60
CA LEU A 22 -11.47 19.38 23.74
C LEU A 22 -12.10 18.66 24.93
N ILE A 23 -12.88 19.39 25.71
CA ILE A 23 -13.53 18.81 26.89
C ILE A 23 -14.85 18.17 26.52
N PRO A 24 -15.07 16.92 26.95
CA PRO A 24 -16.34 16.25 26.63
C PRO A 24 -17.53 16.98 27.25
N GLN A 25 -18.68 16.92 26.59
CA GLN A 25 -19.88 17.60 27.07
C GLN A 25 -21.10 16.70 26.91
N ALA A 26 -22.23 17.13 27.47
CA ALA A 26 -23.45 16.39 27.29
C ALA A 26 -23.81 16.34 25.82
N THR A 27 -24.18 15.14 25.37
CA THR A 27 -24.49 15.00 23.96
C THR A 27 -25.86 14.37 23.73
N GLU A 28 -26.66 15.07 22.92
CA GLU A 28 -28.02 14.60 22.67
C GLU A 28 -28.08 13.77 21.38
N VAL A 29 -27.25 14.17 20.40
CA VAL A 29 -27.21 13.39 19.17
C VAL A 29 -25.77 13.14 18.69
N GLU A 30 -25.45 11.84 18.50
CA GLU A 30 -24.10 11.48 18.06
C GLU A 30 -23.96 9.97 17.86
N PRO A 31 -22.92 9.58 17.10
CA PRO A 31 -22.16 10.49 16.29
C PRO A 31 -22.47 10.27 14.80
N LYS A 32 -23.11 9.09 14.54
CA LYS A 32 -23.40 8.71 13.17
C LYS A 32 -24.41 9.66 12.52
N ASP A 33 -25.04 10.49 13.37
CA ASP A 33 -26.01 11.44 12.84
C ASP A 33 -25.43 12.86 12.80
N VAL A 34 -24.10 12.96 12.88
CA VAL A 34 -23.44 14.24 12.91
C VAL A 34 -23.36 14.77 11.48
N ASP A 35 -23.63 16.07 11.31
CA ASP A 35 -23.56 16.69 9.99
C ASP A 35 -22.24 17.45 9.89
N VAL A 36 -21.41 17.13 8.90
CA VAL A 36 -20.13 17.83 8.78
C VAL A 36 -20.01 18.81 7.60
N SER A 37 -21.15 19.17 7.02
CA SER A 37 -21.15 20.11 5.89
C SER A 37 -20.66 21.46 6.41
N THR A 38 -20.07 22.27 5.53
CA THR A 38 -19.54 23.56 5.96
C THR A 38 -19.40 24.56 4.83
N ARG A 39 -19.62 25.83 5.10
CA ARG A 39 -19.50 26.85 4.07
C ARG A 39 -18.12 27.51 4.08
N ILE A 40 -17.50 27.63 2.91
CA ILE A 40 -16.19 28.28 2.82
C ILE A 40 -16.23 29.56 1.98
N THR A 41 -17.29 29.73 1.20
CA THR A 41 -17.46 30.92 0.38
C THR A 41 -18.96 31.15 0.17
N PRO A 42 -19.34 32.37 -0.24
CA PRO A 42 -20.75 32.71 -0.48
C PRO A 42 -21.49 31.70 -1.36
N ASN A 43 -20.78 31.11 -2.32
CA ASN A 43 -21.41 30.17 -3.22
C ASN A 43 -20.95 28.72 -3.06
N VAL A 44 -20.11 28.46 -2.07
CA VAL A 44 -19.62 27.10 -1.90
C VAL A 44 -19.71 26.52 -0.51
N LYS A 45 -20.49 25.46 -0.40
CA LYS A 45 -20.64 24.74 0.85
C LYS A 45 -20.19 23.31 0.54
N LEU A 46 -19.23 22.80 1.30
CA LEU A 46 -18.72 21.45 1.12
C LEU A 46 -19.49 20.50 2.03
N ASN A 47 -19.52 19.22 1.67
CA ASN A 47 -20.21 18.24 2.50
C ASN A 47 -19.29 17.72 3.62
N ILE A 48 -17.99 17.96 3.47
CA ILE A 48 -16.97 17.60 4.47
C ILE A 48 -16.00 18.79 4.49
N PRO A 49 -15.57 19.22 5.69
CA PRO A 49 -14.66 20.35 5.85
C PRO A 49 -13.20 20.12 5.48
N ILE A 50 -12.95 19.56 4.30
CA ILE A 50 -11.59 19.25 3.86
C ILE A 50 -11.24 19.63 2.42
N LEU A 51 -10.11 20.32 2.24
CA LEU A 51 -9.61 20.70 0.92
C LEU A 51 -8.22 20.04 0.76
N SER A 52 -7.86 19.65 -0.47
CA SER A 52 -6.57 19.03 -0.68
C SER A 52 -5.61 20.16 -1.06
N ALA A 53 -4.39 20.11 -0.52
CA ALA A 53 -3.40 21.14 -0.76
C ALA A 53 -3.07 21.35 -2.24
N ALA A 54 -2.69 22.59 -2.57
CA ALA A 54 -2.34 22.93 -3.94
C ALA A 54 -0.83 22.71 -4.11
N MET A 55 -0.43 21.44 -4.07
CA MET A 55 0.97 21.07 -4.18
C MET A 55 1.15 20.06 -5.31
N ASP A 56 2.29 20.10 -5.98
CA ASP A 56 2.52 19.20 -7.10
C ASP A 56 2.67 17.73 -6.75
N THR A 57 2.64 17.39 -5.46
CA THR A 57 2.71 15.98 -5.08
C THR A 57 1.41 15.62 -4.38
N VAL A 58 0.43 16.51 -4.46
CA VAL A 58 -0.85 16.25 -3.82
C VAL A 58 -2.08 16.38 -4.72
N THR A 59 -2.25 17.53 -5.37
CA THR A 59 -3.43 17.71 -6.18
C THR A 59 -3.34 18.03 -7.67
N GLU A 60 -3.78 17.07 -8.49
CA GLU A 60 -3.89 17.25 -9.94
C GLU A 60 -5.32 16.75 -10.19
N TRP A 61 -5.77 16.65 -11.44
CA TRP A 61 -7.14 16.26 -11.69
C TRP A 61 -7.70 15.03 -10.98
N GLU A 62 -6.93 13.95 -10.87
CA GLU A 62 -7.46 12.76 -10.19
C GLU A 62 -7.81 13.03 -8.73
N MET A 63 -6.93 13.72 -8.01
CA MET A 63 -7.18 14.05 -6.62
C MET A 63 -8.43 14.92 -6.51
N ALA A 64 -8.50 15.95 -7.35
CA ALA A 64 -9.64 16.86 -7.34
C ALA A 64 -10.97 16.15 -7.57
N VAL A 65 -10.97 15.16 -8.47
CA VAL A 65 -12.20 14.41 -8.74
C VAL A 65 -12.58 13.63 -7.50
N ALA A 66 -11.60 12.94 -6.91
CA ALA A 66 -11.84 12.14 -5.71
C ALA A 66 -12.34 13.00 -4.55
N MET A 67 -11.75 14.17 -4.38
CA MET A 67 -12.13 15.07 -3.28
C MET A 67 -13.59 15.55 -3.45
N ALA A 68 -13.93 16.01 -4.65
CA ALA A 68 -15.28 16.50 -4.93
C ALA A 68 -16.32 15.40 -4.81
N ARG A 69 -15.96 14.19 -5.23
CA ARG A 69 -16.89 13.06 -5.13
C ARG A 69 -17.21 12.71 -3.67
N GLU A 70 -16.29 13.04 -2.76
CA GLU A 70 -16.50 12.75 -1.34
C GLU A 70 -17.11 13.94 -0.60
N GLY A 71 -17.33 15.04 -1.33
CA GLY A 71 -17.90 16.22 -0.70
C GLY A 71 -16.86 17.26 -0.32
N GLY A 72 -15.60 16.99 -0.64
CA GLY A 72 -14.54 17.93 -0.33
C GLY A 72 -14.18 18.77 -1.56
N LEU A 73 -12.99 19.37 -1.55
CA LEU A 73 -12.56 20.20 -2.67
C LEU A 73 -11.07 20.08 -2.94
N GLY A 74 -10.72 20.00 -4.22
CA GLY A 74 -9.31 19.89 -4.58
C GLY A 74 -8.85 21.19 -5.20
N VAL A 75 -7.65 21.64 -4.82
CA VAL A 75 -7.10 22.87 -5.39
C VAL A 75 -5.94 22.48 -6.31
N ILE A 76 -6.17 22.54 -7.62
CA ILE A 76 -5.14 22.17 -8.59
C ILE A 76 -3.93 23.10 -8.40
N HIS A 77 -2.75 22.52 -8.23
CA HIS A 77 -1.54 23.34 -8.02
C HIS A 77 -1.17 24.16 -9.25
N ARG A 78 -0.37 25.20 -9.02
CA ARG A 78 0.05 26.10 -10.09
C ARG A 78 1.48 25.93 -10.57
N ASN A 79 2.10 24.80 -10.29
CA ASN A 79 3.47 24.57 -10.75
C ASN A 79 3.38 23.85 -12.10
N MET A 80 2.74 24.52 -13.05
CA MET A 80 2.56 24.01 -14.40
C MET A 80 2.15 25.19 -15.27
N GLY A 81 2.08 25.00 -16.59
CA GLY A 81 1.69 26.09 -17.46
C GLY A 81 0.21 26.42 -17.33
N ILE A 82 -0.18 27.61 -17.78
CA ILE A 82 -1.56 28.03 -17.72
C ILE A 82 -2.48 27.08 -18.48
N GLU A 83 -2.10 26.71 -19.70
CA GLU A 83 -2.90 25.80 -20.50
C GLU A 83 -3.01 24.41 -19.87
N GLU A 84 -1.95 23.99 -19.18
CA GLU A 84 -1.98 22.69 -18.54
C GLU A 84 -2.96 22.74 -17.37
N GLN A 85 -2.96 23.86 -16.64
CA GLN A 85 -3.83 24.00 -15.49
C GLN A 85 -5.29 24.11 -15.91
N VAL A 86 -5.57 24.82 -17.00
CA VAL A 86 -6.95 24.95 -17.45
C VAL A 86 -7.48 23.58 -17.89
N GLU A 87 -6.60 22.78 -18.48
CA GLU A 87 -7.01 21.44 -18.93
C GLU A 87 -7.31 20.54 -17.73
N GLN A 88 -6.53 20.70 -16.67
CA GLN A 88 -6.75 19.89 -15.47
C GLN A 88 -8.16 20.23 -14.94
N VAL A 89 -8.44 21.53 -14.87
CA VAL A 89 -9.74 22.01 -14.41
C VAL A 89 -10.88 21.45 -15.23
N LYS A 90 -10.76 21.54 -16.56
CA LYS A 90 -11.80 21.04 -17.45
C LYS A 90 -12.04 19.54 -17.24
N ARG A 91 -10.96 18.78 -17.11
CA ARG A 91 -11.11 17.34 -16.93
C ARG A 91 -11.90 17.01 -15.68
N VAL A 92 -11.75 17.83 -14.64
CA VAL A 92 -12.49 17.61 -13.40
C VAL A 92 -13.96 17.95 -13.60
N LYS A 93 -14.23 19.12 -14.18
CA LYS A 93 -15.59 19.59 -14.40
C LYS A 93 -16.42 18.64 -15.27
N ARG A 94 -15.75 17.81 -16.06
CA ARG A 94 -16.45 16.90 -16.94
C ARG A 94 -16.29 15.45 -16.57
N ALA A 95 -15.80 15.17 -15.36
CA ALA A 95 -15.58 13.81 -14.89
C ALA A 95 -16.87 13.00 -14.75
N GLU A 96 -17.93 13.62 -14.25
CA GLU A 96 -19.20 12.92 -14.08
C GLU A 96 -19.94 12.82 -15.41
N LYS A 207 -23.90 6.83 -7.00
CA LYS A 207 -22.70 6.15 -6.53
C LYS A 207 -21.78 7.06 -5.68
N TYR A 208 -22.09 8.35 -5.67
CA TYR A 208 -21.30 9.31 -4.88
C TYR A 208 -22.29 10.32 -4.28
N LYS A 209 -23.10 9.83 -3.34
CA LYS A 209 -24.12 10.64 -2.70
C LYS A 209 -23.65 11.90 -2.00
N ASN A 210 -22.36 11.96 -1.66
CA ASN A 210 -21.85 13.14 -0.96
C ASN A 210 -21.13 14.15 -1.85
N ALA A 211 -21.06 13.86 -3.16
CA ALA A 211 -20.38 14.75 -4.10
C ALA A 211 -20.89 16.19 -4.04
N VAL A 212 -19.98 17.13 -4.28
CA VAL A 212 -20.35 18.56 -4.32
C VAL A 212 -20.31 18.98 -5.78
N ARG A 213 -21.44 19.44 -6.29
CA ARG A 213 -21.55 19.85 -7.69
C ARG A 213 -22.04 21.28 -7.84
N ASP A 214 -21.83 21.86 -9.02
CA ASP A 214 -22.28 23.21 -9.29
C ASP A 214 -23.70 23.13 -9.87
N GLU A 215 -24.24 24.26 -10.28
CA GLU A 215 -25.58 24.33 -10.85
C GLU A 215 -25.85 23.33 -11.98
N ASN A 216 -24.84 23.03 -12.78
CA ASN A 216 -25.01 22.12 -13.91
C ASN A 216 -24.68 20.67 -13.59
N GLY A 217 -24.56 20.36 -12.31
CA GLY A 217 -24.25 19.00 -11.90
C GLY A 217 -22.81 18.58 -12.14
N GLU A 218 -21.92 19.55 -12.34
CA GLU A 218 -20.51 19.24 -12.56
C GLU A 218 -19.74 19.32 -11.24
N LEU A 219 -18.82 18.40 -11.03
CA LEU A 219 -18.01 18.38 -9.80
C LEU A 219 -17.35 19.74 -9.59
N LEU A 220 -17.27 20.19 -8.34
CA LEU A 220 -16.63 21.46 -8.04
C LEU A 220 -15.12 21.30 -8.10
N VAL A 221 -14.43 22.40 -8.38
CA VAL A 221 -12.97 22.36 -8.43
C VAL A 221 -12.41 23.76 -8.16
N ALA A 222 -11.22 23.79 -7.57
CA ALA A 222 -10.55 25.06 -7.28
C ALA A 222 -9.16 25.00 -7.91
N ALA A 223 -8.53 26.15 -8.06
CA ALA A 223 -7.20 26.21 -8.66
C ALA A 223 -6.41 27.36 -8.05
N ALA A 224 -5.11 27.15 -7.86
CA ALA A 224 -4.27 28.18 -7.27
C ALA A 224 -3.62 29.08 -8.30
N VAL A 225 -3.37 30.33 -7.89
CA VAL A 225 -2.71 31.30 -8.75
C VAL A 225 -1.88 32.23 -7.88
N SER A 226 -0.87 32.84 -8.50
CA SER A 226 -0.01 33.79 -7.81
C SER A 226 -0.81 35.08 -7.73
N PRO A 227 -0.56 35.93 -6.73
CA PRO A 227 -1.27 37.20 -6.57
C PRO A 227 -1.15 38.09 -7.80
N PHE A 228 -0.11 37.87 -8.60
CA PHE A 228 0.14 38.68 -9.79
C PHE A 228 -0.30 38.05 -11.12
N ASP A 229 -0.65 36.77 -11.10
CA ASP A 229 -1.04 36.09 -12.33
C ASP A 229 -2.51 36.28 -12.72
N ILE A 230 -2.86 37.52 -13.08
CA ILE A 230 -4.22 37.84 -13.48
C ILE A 230 -4.60 37.12 -14.77
N LYS A 231 -3.62 36.90 -15.64
CA LYS A 231 -3.87 36.19 -16.90
C LYS A 231 -4.32 34.77 -16.60
N ARG A 232 -3.55 34.08 -15.78
CA ARG A 232 -3.85 32.69 -15.41
C ARG A 232 -5.25 32.62 -14.79
N ALA A 233 -5.55 33.56 -13.90
CA ALA A 233 -6.82 33.58 -13.21
C ALA A 233 -8.01 33.66 -14.18
N ILE A 234 -7.94 34.62 -15.11
CA ILE A 234 -9.02 34.80 -16.08
C ILE A 234 -9.21 33.54 -16.91
N GLU A 235 -8.12 32.88 -17.29
CA GLU A 235 -8.22 31.66 -18.07
C GLU A 235 -8.89 30.56 -17.26
N LEU A 236 -8.50 30.46 -15.98
CA LEU A 236 -9.09 29.45 -15.11
C LEU A 236 -10.57 29.73 -14.92
N ASP A 237 -10.88 31.01 -14.76
CA ASP A 237 -12.27 31.44 -14.56
C ASP A 237 -13.11 31.06 -15.78
N LYS A 238 -12.59 31.31 -16.98
CA LYS A 238 -13.29 30.97 -18.21
C LYS A 238 -13.44 29.46 -18.37
N ALA A 239 -12.47 28.71 -17.84
CA ALA A 239 -12.52 27.25 -17.93
C ALA A 239 -13.59 26.70 -17.00
N GLY A 240 -14.17 27.57 -16.18
CA GLY A 240 -15.21 27.14 -15.27
C GLY A 240 -14.76 26.79 -13.86
N VAL A 241 -13.60 27.27 -13.44
CA VAL A 241 -13.14 26.96 -12.09
C VAL A 241 -14.15 27.59 -11.12
N ASP A 242 -14.45 26.88 -10.05
CA ASP A 242 -15.41 27.36 -9.05
C ASP A 242 -14.79 28.29 -8.02
N VAL A 243 -13.55 28.01 -7.66
CA VAL A 243 -12.85 28.83 -6.67
C VAL A 243 -11.43 29.11 -7.10
N ILE A 244 -11.04 30.37 -7.01
CA ILE A 244 -9.67 30.79 -7.34
C ILE A 244 -9.00 30.96 -6.00
N VAL A 245 -7.87 30.28 -5.80
CA VAL A 245 -7.13 30.37 -4.55
C VAL A 245 -5.81 31.11 -4.73
N VAL A 246 -5.73 32.34 -4.26
CA VAL A 246 -4.48 33.08 -4.35
C VAL A 246 -3.58 32.37 -3.37
N ASP A 247 -2.53 31.76 -3.90
CA ASP A 247 -1.58 30.92 -3.16
C ASP A 247 -0.19 31.54 -2.96
N THR A 248 0.00 32.19 -1.81
CA THR A 248 1.27 32.85 -1.48
C THR A 248 1.73 32.53 -0.06
N ALA A 249 3.03 32.68 0.17
CA ALA A 249 3.61 32.42 1.48
C ALA A 249 3.21 33.48 2.52
N HIS A 250 3.14 34.73 2.08
CA HIS A 250 2.78 35.84 2.97
C HIS A 250 1.81 36.77 2.24
N ALA A 251 0.53 36.46 2.32
CA ALA A 251 -0.50 37.25 1.66
C ALA A 251 -0.61 38.70 2.11
N HIS A 252 -0.12 39.01 3.32
CA HIS A 252 -0.21 40.40 3.78
C HIS A 252 0.87 41.28 3.18
N ASN A 253 0.95 41.26 1.85
CA ASN A 253 1.91 42.04 1.09
C ASN A 253 1.09 43.09 0.32
N LEU A 254 1.29 44.36 0.63
CA LEU A 254 0.54 45.44 0.00
C LEU A 254 0.52 45.41 -1.54
N LYS A 255 1.69 45.36 -2.15
CA LYS A 255 1.76 45.33 -3.62
C LYS A 255 0.96 44.14 -4.14
N ALA A 256 1.10 42.99 -3.48
CA ALA A 256 0.39 41.78 -3.89
C ALA A 256 -1.11 41.98 -3.74
N ILE A 257 -1.52 42.62 -2.65
CA ILE A 257 -2.92 42.86 -2.38
C ILE A 257 -3.56 43.78 -3.41
N LYS A 258 -2.80 44.74 -3.93
CA LYS A 258 -3.32 45.65 -4.93
C LYS A 258 -3.60 44.83 -6.19
N SER A 259 -2.69 43.93 -6.52
CA SER A 259 -2.85 43.07 -7.69
C SER A 259 -4.05 42.15 -7.48
N MET A 260 -4.21 41.65 -6.25
CA MET A 260 -5.32 40.76 -5.91
C MET A 260 -6.67 41.42 -6.14
N LYS A 261 -6.77 42.70 -5.78
CA LYS A 261 -8.02 43.44 -5.95
C LYS A 261 -8.40 43.54 -7.43
N GLU A 262 -7.41 43.78 -8.28
CA GLU A 262 -7.64 43.88 -9.71
C GLU A 262 -8.11 42.52 -10.21
N MET A 263 -7.49 41.46 -9.68
CA MET A 263 -7.84 40.10 -10.07
C MET A 263 -9.28 39.76 -9.69
N ARG A 264 -9.67 40.11 -8.47
CA ARG A 264 -11.02 39.84 -7.98
C ARG A 264 -12.08 40.49 -8.88
N GLN A 265 -11.75 41.65 -9.43
CA GLN A 265 -12.65 42.38 -10.29
C GLN A 265 -12.78 41.79 -11.69
N LYS A 266 -11.83 40.96 -12.09
CA LYS A 266 -11.87 40.37 -13.42
C LYS A 266 -12.29 38.91 -13.51
N VAL A 267 -12.74 38.33 -12.40
CA VAL A 267 -13.18 36.93 -12.40
C VAL A 267 -14.52 36.78 -11.67
N ASP A 268 -15.30 35.76 -12.05
CA ASP A 268 -16.59 35.53 -11.42
C ASP A 268 -16.50 34.52 -10.29
N ALA A 269 -15.54 33.60 -10.39
CA ALA A 269 -15.35 32.56 -9.38
C ALA A 269 -15.21 33.14 -7.97
N ASP A 270 -15.43 32.30 -6.95
CA ASP A 270 -15.27 32.76 -5.59
C ASP A 270 -13.77 32.96 -5.35
N PHE A 271 -13.43 33.82 -4.39
CA PHE A 271 -12.04 34.20 -4.13
C PHE A 271 -11.47 33.88 -2.75
N ILE A 272 -10.45 33.03 -2.68
CA ILE A 272 -9.81 32.72 -1.41
C ILE A 272 -8.34 33.16 -1.40
N VAL A 273 -8.03 34.09 -0.47
CA VAL A 273 -6.64 34.53 -0.33
C VAL A 273 -5.95 33.96 0.92
N GLY A 274 -4.71 33.46 0.70
CA GLY A 274 -3.89 32.96 1.81
C GLY A 274 -2.43 32.82 1.36
N ASN A 275 -1.49 32.62 2.32
CA ASN A 275 -1.82 32.39 3.73
C ASN A 275 -1.44 33.60 4.63
N ILE A 276 -2.14 33.71 5.77
CA ILE A 276 -1.84 34.76 6.76
C ILE A 276 -1.76 34.19 8.18
N ALA A 277 -1.33 34.92 9.20
CA ALA A 277 -1.30 34.35 10.54
C ALA A 277 -1.52 35.47 11.54
N ASN A 278 -1.87 36.65 11.03
CA ASN A 278 -2.10 37.83 11.86
C ASN A 278 -3.50 38.37 11.55
N PRO A 279 -4.31 38.59 12.59
CA PRO A 279 -5.67 39.11 12.34
C PRO A 279 -5.69 40.43 11.57
N LYS A 280 -4.67 41.26 11.78
CA LYS A 280 -4.59 42.54 11.09
C LYS A 280 -4.62 42.40 9.57
N ALA A 281 -4.19 41.24 9.08
CA ALA A 281 -4.17 41.02 7.63
C ALA A 281 -5.58 40.91 7.02
N VAL A 282 -6.53 40.41 7.85
CA VAL A 282 -7.92 40.28 7.39
C VAL A 282 -8.52 41.63 7.02
N ASP A 283 -8.11 42.65 7.81
CA ASP A 283 -8.64 44.00 7.61
C ASP A 283 -8.36 44.51 6.19
N ASP A 284 -7.27 44.03 5.60
CA ASP A 284 -6.88 44.48 4.25
C ASP A 284 -7.26 43.47 3.18
N LEU A 285 -8.02 42.44 3.55
CA LEU A 285 -8.41 41.43 2.57
C LEU A 285 -9.91 41.22 2.51
N THR A 286 -10.67 42.19 3.03
CA THR A 286 -12.12 42.07 3.07
C THR A 286 -12.82 41.93 1.72
N PHE A 287 -12.05 42.04 0.63
CA PHE A 287 -12.61 41.91 -0.71
C PHE A 287 -12.64 40.45 -1.13
N ALA A 288 -12.01 39.60 -0.33
CA ALA A 288 -11.97 38.17 -0.61
C ALA A 288 -13.13 37.48 0.10
N ASP A 289 -13.39 36.23 -0.27
CA ASP A 289 -14.48 35.46 0.34
C ASP A 289 -14.02 34.73 1.59
N ALA A 290 -12.74 34.37 1.61
CA ALA A 290 -12.21 33.66 2.76
C ALA A 290 -10.70 33.79 2.77
N VAL A 291 -10.11 33.59 3.95
CA VAL A 291 -8.66 33.67 4.09
C VAL A 291 -8.14 32.31 4.56
N LYS A 292 -6.94 31.95 4.12
CA LYS A 292 -6.33 30.70 4.50
C LYS A 292 -5.26 31.00 5.54
N VAL A 293 -5.37 30.31 6.68
CA VAL A 293 -4.46 30.51 7.79
C VAL A 293 -3.37 29.46 7.92
N GLY A 294 -2.13 29.91 8.06
CA GLY A 294 -1.03 28.98 8.21
C GLY A 294 0.32 29.45 7.74
N ILE A 295 1.15 29.88 8.67
CA ILE A 295 2.50 30.29 8.33
C ILE A 295 3.49 29.55 9.20
N GLY A 296 4.08 28.49 8.62
CA GLY A 296 5.06 27.69 9.33
C GLY A 296 4.69 26.33 9.91
N PRO A 297 3.40 25.94 9.98
CA PRO A 297 3.09 24.62 10.56
C PRO A 297 3.18 23.38 9.66
N GLY A 298 3.26 23.57 8.36
CA GLY A 298 3.33 22.45 7.43
C GLY A 298 4.35 21.38 7.76
N SER A 299 4.00 20.13 7.48
CA SER A 299 4.89 19.01 7.75
C SER A 299 6.24 19.15 7.03
N ILE A 300 6.26 19.75 5.84
CA ILE A 300 7.51 19.93 5.11
C ILE A 300 7.98 21.37 5.09
N CYS A 301 7.44 22.17 6.01
CA CYS A 301 7.76 23.59 6.07
C CYS A 301 8.95 23.93 6.97
N THR A 302 9.82 24.81 6.47
CA THR A 302 10.99 25.24 7.24
C THR A 302 11.01 26.75 7.37
N THR A 303 9.90 27.40 7.02
CA THR A 303 9.82 28.86 7.10
C THR A 303 10.18 29.40 8.48
N ARG A 304 9.75 28.70 9.53
CA ARG A 304 10.05 29.15 10.88
C ARG A 304 11.53 28.97 11.22
N ILE A 305 12.18 28.00 10.59
CA ILE A 305 13.60 27.76 10.83
C ILE A 305 14.46 28.72 10.00
N VAL A 306 14.08 28.91 8.75
CA VAL A 306 14.82 29.77 7.84
C VAL A 306 14.58 31.26 8.10
N ALA A 307 13.32 31.64 8.30
CA ALA A 307 12.98 33.04 8.51
C ALA A 307 12.71 33.43 9.96
N GLY A 308 12.45 32.45 10.82
CA GLY A 308 12.18 32.74 12.23
C GLY A 308 10.81 33.35 12.47
N VAL A 309 9.94 33.26 11.46
CA VAL A 309 8.60 33.84 11.51
C VAL A 309 7.47 32.81 11.48
N GLY A 310 6.46 33.02 12.32
CA GLY A 310 5.33 32.12 12.36
C GLY A 310 4.46 32.27 13.59
N VAL A 311 3.32 31.57 13.60
CA VAL A 311 2.42 31.61 14.74
C VAL A 311 1.79 30.22 14.92
N PRO A 312 1.90 29.64 16.14
CA PRO A 312 1.33 28.31 16.43
C PRO A 312 -0.10 28.31 15.89
N GLN A 313 -0.43 27.28 15.10
CA GLN A 313 -1.70 27.18 14.40
C GLN A 313 -3.01 27.37 15.17
N ILE A 314 -3.14 26.80 16.37
CA ILE A 314 -4.38 26.98 17.09
C ILE A 314 -4.60 28.45 17.41
N THR A 315 -3.56 29.11 17.91
CA THR A 315 -3.64 30.54 18.23
C THR A 315 -3.90 31.38 16.98
N ALA A 316 -3.20 31.06 15.88
CA ALA A 316 -3.36 31.79 14.63
C ALA A 316 -4.80 31.74 14.09
N VAL A 317 -5.37 30.54 14.08
CA VAL A 317 -6.74 30.33 13.63
C VAL A 317 -7.74 31.11 14.48
N ALA A 318 -7.56 31.06 15.80
CA ALA A 318 -8.45 31.75 16.72
C ALA A 318 -8.43 33.27 16.54
N MET A 319 -7.23 33.85 16.46
CA MET A 319 -7.08 35.29 16.31
C MET A 319 -7.68 35.77 14.98
N VAL A 320 -7.38 35.04 13.92
CA VAL A 320 -7.87 35.37 12.59
C VAL A 320 -9.38 35.16 12.49
N ALA A 321 -9.86 34.05 13.04
CA ALA A 321 -11.29 33.73 13.00
C ALA A 321 -12.15 34.82 13.66
N ASP A 322 -11.70 35.36 14.80
CA ASP A 322 -12.46 36.41 15.46
C ASP A 322 -12.56 37.64 14.56
N ARG A 323 -11.45 37.98 13.89
CA ARG A 323 -11.44 39.14 13.01
C ARG A 323 -12.23 38.87 11.74
N ALA A 324 -12.09 37.67 11.19
CA ALA A 324 -12.80 37.29 9.97
C ALA A 324 -14.31 37.33 10.19
N GLN A 325 -14.75 36.84 11.34
CA GLN A 325 -16.18 36.81 11.66
C GLN A 325 -16.75 38.24 11.66
N GLU A 326 -15.91 39.21 12.00
CA GLU A 326 -16.35 40.61 12.03
C GLU A 326 -16.58 41.16 10.63
N TYR A 327 -15.94 40.58 9.63
CA TYR A 327 -16.10 41.04 8.26
C TYR A 327 -16.91 40.13 7.36
N GLY A 328 -17.32 38.98 7.87
CA GLY A 328 -18.10 38.08 7.06
C GLY A 328 -17.26 37.17 6.17
N LEU A 329 -16.00 36.97 6.53
CA LEU A 329 -15.12 36.10 5.76
C LEU A 329 -15.00 34.74 6.42
N TYR A 330 -14.83 33.69 5.60
CA TYR A 330 -14.68 32.34 6.12
C TYR A 330 -13.22 32.06 6.38
N VAL A 331 -12.92 31.02 7.16
CA VAL A 331 -11.54 30.69 7.50
C VAL A 331 -11.17 29.23 7.24
N ILE A 332 -10.03 29.04 6.58
CA ILE A 332 -9.52 27.70 6.29
C ILE A 332 -8.17 27.50 7.01
N ALA A 333 -8.08 26.47 7.84
CA ALA A 333 -6.84 26.18 8.58
C ALA A 333 -5.95 25.31 7.71
N ASP A 334 -4.82 25.88 7.31
CA ASP A 334 -3.91 25.20 6.41
C ASP A 334 -2.55 24.78 6.98
N GLY A 335 -2.32 23.47 7.02
CA GLY A 335 -1.06 22.94 7.51
C GLY A 335 -0.98 22.44 8.94
N GLY A 336 -0.11 21.46 9.16
CA GLY A 336 0.08 20.92 10.50
C GLY A 336 -0.90 19.86 10.96
N ILE A 337 -1.89 19.51 10.14
CA ILE A 337 -2.85 18.48 10.54
C ILE A 337 -2.24 17.10 10.37
N ARG A 338 -2.13 16.35 11.46
CA ARG A 338 -1.55 15.02 11.43
C ARG A 338 -2.56 13.94 11.79
N TYR A 339 -3.61 14.32 12.51
CA TYR A 339 -4.63 13.36 12.94
C TYR A 339 -6.02 13.95 12.80
N SER A 340 -7.04 13.09 12.75
CA SER A 340 -8.40 13.57 12.65
C SER A 340 -8.69 14.48 13.85
N GLY A 341 -8.08 14.18 14.99
CA GLY A 341 -8.30 14.98 16.19
C GLY A 341 -7.91 16.44 16.00
N ASP A 342 -6.92 16.70 15.14
CA ASP A 342 -6.46 18.06 14.86
C ASP A 342 -7.55 18.83 14.11
N ILE A 343 -8.32 18.13 13.30
CA ILE A 343 -9.38 18.75 12.53
C ILE A 343 -10.45 19.26 13.48
N VAL A 344 -10.81 18.42 14.45
CA VAL A 344 -11.82 18.81 15.43
C VAL A 344 -11.33 20.05 16.19
N LYS A 345 -10.06 20.08 16.55
CA LYS A 345 -9.52 21.22 17.29
C LYS A 345 -9.48 22.49 16.44
N ALA A 346 -9.06 22.36 15.19
CA ALA A 346 -8.99 23.51 14.29
C ALA A 346 -10.35 24.17 14.11
N ILE A 347 -11.39 23.35 13.93
CA ILE A 347 -12.73 23.88 13.73
C ILE A 347 -13.24 24.52 15.02
N ALA A 348 -12.97 23.87 16.15
CA ALA A 348 -13.37 24.40 17.45
C ALA A 348 -12.64 25.72 17.74
N ALA A 349 -11.46 25.89 17.12
CA ALA A 349 -10.67 27.10 17.29
C ALA A 349 -11.14 28.26 16.39
N GLY A 350 -12.10 27.98 15.50
CA GLY A 350 -12.62 29.02 14.63
C GLY A 350 -12.60 28.76 13.13
N ALA A 351 -11.95 27.69 12.68
CA ALA A 351 -11.87 27.40 11.25
C ALA A 351 -13.15 26.78 10.68
N ASP A 352 -13.46 27.10 9.43
CA ASP A 352 -14.63 26.53 8.76
C ASP A 352 -14.25 25.23 8.06
N ALA A 353 -12.97 25.09 7.71
CA ALA A 353 -12.47 23.91 7.04
C ALA A 353 -10.96 23.84 7.19
N VAL A 354 -10.37 22.71 6.81
CA VAL A 354 -8.92 22.56 6.89
C VAL A 354 -8.37 22.13 5.54
N MET A 355 -7.10 22.39 5.33
CA MET A 355 -6.45 21.98 4.08
C MET A 355 -5.35 21.00 4.43
N LEU A 356 -5.35 19.85 3.76
CA LEU A 356 -4.38 18.80 4.02
C LEU A 356 -3.39 18.54 2.89
N GLY A 357 -2.13 18.36 3.26
CA GLY A 357 -1.08 18.06 2.29
C GLY A 357 -0.58 16.65 2.59
N ASN A 358 0.15 16.53 3.69
CA ASN A 358 0.74 15.27 4.15
C ASN A 358 -0.26 14.10 4.18
N LEU A 359 -1.41 14.29 4.82
CA LEU A 359 -2.38 13.22 4.92
C LEU A 359 -2.99 12.75 3.60
N LEU A 360 -2.96 13.59 2.58
CA LEU A 360 -3.50 13.19 1.29
C LEU A 360 -2.40 12.73 0.35
N ALA A 361 -1.18 13.15 0.64
CA ALA A 361 -0.05 12.74 -0.17
C ALA A 361 0.10 11.25 0.12
N GLY A 362 0.61 10.48 -0.84
CA GLY A 362 0.76 9.06 -0.57
C GLY A 362 -0.49 8.25 -0.86
N THR A 363 -1.55 8.92 -1.29
CA THR A 363 -2.77 8.20 -1.65
C THR A 363 -2.64 7.85 -3.12
N LYS A 364 -3.45 6.91 -3.60
CA LYS A 364 -3.42 6.49 -4.99
C LYS A 364 -3.57 7.66 -5.95
N GLU A 365 -4.49 8.56 -5.64
CA GLU A 365 -4.77 9.71 -6.49
C GLU A 365 -3.69 10.80 -6.49
N ALA A 366 -2.86 10.84 -5.45
CA ALA A 366 -1.81 11.85 -5.38
C ALA A 366 -0.81 11.67 -6.53
N PRO A 367 -0.40 12.78 -7.17
CA PRO A 367 0.54 12.72 -8.29
C PRO A 367 2.00 12.45 -7.90
N GLY A 368 2.29 12.40 -6.61
CA GLY A 368 3.66 12.15 -6.18
C GLY A 368 4.23 10.84 -6.72
N LYS A 369 5.51 10.86 -7.10
CA LYS A 369 6.16 9.66 -7.62
C LYS A 369 6.23 8.56 -6.58
N GLU A 370 6.08 7.30 -7.03
CA GLU A 370 6.15 6.18 -6.10
C GLU A 370 7.61 5.85 -5.77
N VAL A 371 7.84 5.42 -4.54
CA VAL A 371 9.17 5.08 -4.07
C VAL A 371 9.10 3.86 -3.16
N ILE A 372 9.94 2.87 -3.45
CA ILE A 372 9.99 1.66 -2.64
C ILE A 372 11.31 1.63 -1.88
N ILE A 373 11.23 1.35 -0.59
CA ILE A 373 12.41 1.29 0.26
C ILE A 373 12.19 0.18 1.29
N ASN A 374 13.07 -0.83 1.27
CA ASN A 374 12.96 -1.95 2.19
C ASN A 374 11.64 -2.67 1.98
N GLY A 375 11.27 -2.86 0.72
CA GLY A 375 10.03 -3.54 0.39
C GLY A 375 8.76 -2.75 0.69
N ARG A 376 8.90 -1.61 1.37
CA ARG A 376 7.74 -0.80 1.71
C ARG A 376 7.47 0.32 0.71
N LYS A 377 6.19 0.54 0.44
CA LYS A 377 5.73 1.56 -0.50
C LYS A 377 5.62 2.97 0.10
N TYR A 378 6.05 3.95 -0.68
CA TYR A 378 6.00 5.36 -0.29
C TYR A 378 5.70 6.18 -1.54
N LYS A 379 5.45 7.46 -1.34
CA LYS A 379 5.21 8.40 -2.41
C LYS A 379 5.91 9.69 -2.01
N GLN A 380 6.46 10.40 -2.99
CA GLN A 380 7.15 11.63 -2.71
C GLN A 380 6.18 12.73 -2.27
N TYR A 381 6.65 13.56 -1.36
CA TYR A 381 5.88 14.68 -0.83
C TYR A 381 6.92 15.75 -0.57
N ARG A 382 6.72 16.93 -1.15
CA ARG A 382 7.69 18.00 -1.01
C ARG A 382 7.03 19.37 -0.98
N GLY A 383 7.71 20.33 -0.36
CA GLY A 383 7.18 21.68 -0.31
C GLY A 383 7.31 22.34 -1.66
N MET A 384 6.36 23.20 -1.99
CA MET A 384 6.37 23.92 -3.25
C MET A 384 7.53 24.91 -3.24
N GLY A 385 8.05 25.17 -2.04
CA GLY A 385 9.17 26.07 -1.89
C GLY A 385 10.46 25.29 -1.72
N SER A 386 10.51 24.10 -2.33
CA SER A 386 11.70 23.25 -2.27
C SER A 386 12.40 23.27 -3.63
N LEU A 387 13.67 22.92 -3.64
CA LEU A 387 14.45 22.90 -4.89
C LEU A 387 13.77 22.05 -5.96
N GLY A 388 13.32 20.87 -5.56
CA GLY A 388 12.65 19.97 -6.50
C GLY A 388 11.46 20.62 -7.18
N ALA A 389 10.60 21.24 -6.40
CA ALA A 389 9.42 21.90 -6.94
C ALA A 389 9.84 23.07 -7.82
N MET A 390 10.87 23.79 -7.40
CA MET A 390 11.37 24.93 -8.16
C MET A 390 12.04 24.46 -9.45
N MET A 391 12.62 23.26 -9.43
CA MET A 391 13.29 22.71 -10.60
C MET A 391 12.31 22.09 -11.60
N LYS A 392 11.02 22.15 -11.30
CA LYS A 392 10.00 21.59 -12.19
C LYS A 392 9.55 22.61 -13.23
N TYR A 403 7.93 26.54 -13.01
CA TYR A 403 6.82 27.31 -13.58
C TYR A 403 6.39 28.43 -12.64
N MET A 404 7.08 28.56 -11.50
CA MET A 404 6.73 29.59 -10.54
C MET A 404 7.78 30.68 -10.39
N LYS A 405 9.03 30.27 -10.14
CA LYS A 405 10.12 31.23 -9.95
C LYS A 405 9.75 32.25 -8.89
N THR A 406 9.98 31.91 -7.63
CA THR A 406 9.68 32.81 -6.53
C THR A 406 10.84 33.79 -6.39
N ARG A 407 10.58 34.93 -5.74
CA ARG A 407 11.60 35.93 -5.52
C ARG A 407 12.30 35.64 -4.21
N LYS A 408 12.50 34.36 -3.92
CA LYS A 408 13.14 33.91 -2.70
C LYS A 408 14.57 33.45 -2.97
N PHE A 409 15.49 33.84 -2.11
CA PHE A 409 16.90 33.47 -2.26
C PHE A 409 17.17 32.04 -1.78
N VAL A 410 16.43 31.61 -0.76
CA VAL A 410 16.63 30.27 -0.21
C VAL A 410 15.32 29.51 -0.03
N PRO A 411 15.39 28.17 -0.04
CA PRO A 411 14.21 27.32 0.12
C PRO A 411 13.59 27.45 1.52
N GLU A 412 12.29 27.18 1.61
CA GLU A 412 11.57 27.23 2.88
C GLU A 412 10.72 25.97 3.02
N GLY A 413 11.14 24.94 2.29
CA GLY A 413 10.46 23.65 2.31
C GLY A 413 11.44 22.52 2.03
N VAL A 414 11.11 21.31 2.44
CA VAL A 414 11.99 20.18 2.21
C VAL A 414 11.33 19.14 1.30
N GLU A 415 12.09 18.10 0.98
CA GLU A 415 11.60 17.02 0.15
C GLU A 415 11.66 15.76 0.99
N GLY A 416 10.62 14.94 0.91
CA GLY A 416 10.61 13.71 1.67
C GLY A 416 9.66 12.72 1.04
N VAL A 417 9.31 11.69 1.80
CA VAL A 417 8.37 10.68 1.33
C VAL A 417 7.45 10.30 2.47
N VAL A 418 6.24 9.88 2.12
CA VAL A 418 5.26 9.46 3.10
C VAL A 418 4.84 8.04 2.68
N PRO A 419 4.50 7.18 3.66
CA PRO A 419 4.09 5.81 3.32
C PRO A 419 2.80 5.78 2.51
N TYR A 420 2.63 4.71 1.72
CA TYR A 420 1.44 4.56 0.89
C TYR A 420 0.23 4.47 1.83
N ARG A 421 -0.79 5.31 1.58
CA ARG A 421 -1.97 5.34 2.44
C ARG A 421 -3.21 4.64 1.89
N GLY A 422 -3.19 4.31 0.62
CA GLY A 422 -4.36 3.68 0.02
C GLY A 422 -5.08 4.74 -0.79
N THR A 423 -6.40 4.62 -0.93
CA THR A 423 -7.15 5.59 -1.72
C THR A 423 -7.61 6.79 -0.91
N VAL A 424 -7.89 7.89 -1.62
CA VAL A 424 -8.38 9.12 -1.00
C VAL A 424 -9.63 8.79 -0.21
N SER A 425 -10.48 7.96 -0.80
CA SER A 425 -11.73 7.55 -0.18
C SER A 425 -11.51 6.95 1.21
N GLU A 426 -10.51 6.08 1.32
CA GLU A 426 -10.20 5.42 2.59
C GLU A 426 -9.65 6.40 3.62
N VAL A 427 -8.85 7.35 3.16
CA VAL A 427 -8.28 8.34 4.06
C VAL A 427 -9.36 9.28 4.60
N LEU A 428 -10.23 9.74 3.72
CA LEU A 428 -11.29 10.66 4.12
C LEU A 428 -12.27 10.00 5.07
N TYR A 429 -12.56 8.71 4.85
CA TYR A 429 -13.48 7.99 5.71
C TYR A 429 -12.95 8.01 7.15
N GLN A 430 -11.66 7.75 7.30
CA GLN A 430 -11.05 7.74 8.62
C GLN A 430 -11.08 9.13 9.26
N LEU A 431 -10.63 10.13 8.51
CA LEU A 431 -10.59 11.50 9.03
C LEU A 431 -11.96 11.98 9.42
N VAL A 432 -12.93 11.82 8.53
CA VAL A 432 -14.30 12.24 8.80
C VAL A 432 -14.87 11.41 9.95
N GLY A 433 -14.49 10.14 10.01
CA GLY A 433 -14.96 9.28 11.07
C GLY A 433 -14.53 9.84 12.41
N GLY A 434 -13.26 10.22 12.50
CA GLY A 434 -12.73 10.78 13.72
C GLY A 434 -13.38 12.10 14.08
N LEU A 435 -13.58 12.95 13.08
CA LEU A 435 -14.22 14.24 13.30
C LEU A 435 -15.61 14.05 13.89
N LYS A 436 -16.37 13.11 13.34
CA LYS A 436 -17.72 12.83 13.82
C LYS A 436 -17.71 12.30 15.26
N ALA A 437 -16.72 11.47 15.58
CA ALA A 437 -16.62 10.93 16.93
C ALA A 437 -16.34 12.09 17.89
N GLY A 438 -15.41 12.96 17.52
CA GLY A 438 -15.07 14.11 18.34
C GLY A 438 -16.24 15.04 18.54
N MET A 439 -17.00 15.28 17.47
CA MET A 439 -18.17 16.16 17.57
C MET A 439 -19.22 15.53 18.48
N GLY A 440 -19.36 14.22 18.42
CA GLY A 440 -20.32 13.54 19.28
C GLY A 440 -19.94 13.71 20.75
N TYR A 441 -18.65 13.54 21.03
CA TYR A 441 -18.12 13.67 22.39
C TYR A 441 -18.35 15.05 23.01
N VAL A 442 -18.43 16.09 22.18
CA VAL A 442 -18.65 17.43 22.72
C VAL A 442 -20.10 17.90 22.55
N GLY A 443 -20.94 17.02 22.02
CA GLY A 443 -22.34 17.34 21.82
C GLY A 443 -22.61 18.27 20.65
N ALA A 444 -21.81 18.18 19.60
CA ALA A 444 -21.99 19.04 18.43
C ALA A 444 -22.64 18.25 17.31
N ARG A 445 -23.87 18.61 16.94
CA ARG A 445 -24.57 17.89 15.88
C ARG A 445 -24.13 18.39 14.50
N ASN A 446 -23.52 19.57 14.47
CA ASN A 446 -23.02 20.15 13.22
C ASN A 446 -21.81 21.05 13.45
N ILE A 447 -21.19 21.51 12.36
CA ILE A 447 -19.99 22.34 12.43
C ILE A 447 -20.19 23.63 13.22
N ARG A 448 -21.30 24.30 12.98
CA ARG A 448 -21.59 25.56 13.67
C ARG A 448 -21.58 25.38 15.18
N GLU A 449 -22.10 24.27 15.67
CA GLU A 449 -22.15 24.01 17.10
C GLU A 449 -20.76 23.67 17.67
N LEU A 450 -19.93 23.01 16.87
CA LEU A 450 -18.58 22.70 17.34
C LEU A 450 -17.85 24.03 17.54
N LYS A 451 -17.92 24.91 16.53
CA LYS A 451 -17.28 26.21 16.63
C LYS A 451 -17.87 27.01 17.78
N GLU A 452 -19.15 26.80 18.02
CA GLU A 452 -19.88 27.52 19.05
C GLU A 452 -19.60 27.11 20.50
N LYS A 453 -19.68 25.81 20.79
CA LYS A 453 -19.47 25.38 22.16
C LYS A 453 -18.22 24.58 22.52
N GLY A 454 -17.39 24.25 21.54
CA GLY A 454 -16.17 23.51 21.86
C GLY A 454 -15.30 24.25 22.87
N GLU A 455 -14.96 23.58 23.97
CA GLU A 455 -14.11 24.18 25.00
C GLU A 455 -12.80 23.42 25.12
N PHE A 456 -11.72 24.15 25.36
CA PHE A 456 -10.38 23.57 25.48
C PHE A 456 -9.83 23.48 26.89
N VAL A 457 -8.90 22.53 27.06
CA VAL A 457 -8.16 22.36 28.29
C VAL A 457 -6.72 22.32 27.78
N ILE A 458 -5.85 23.11 28.39
CA ILE A 458 -4.45 23.15 27.99
C ILE A 458 -3.69 22.05 28.70
N ILE A 459 -2.82 21.35 27.98
CA ILE A 459 -2.08 20.27 28.61
C ILE A 459 -0.57 20.44 28.50
N THR A 460 0.13 19.70 29.34
CA THR A 460 1.59 19.75 29.38
C THR A 460 2.17 18.64 28.51
N HIS A 461 3.50 18.61 28.41
CA HIS A 461 4.18 17.60 27.63
C HIS A 461 3.82 16.20 28.14
N ALA A 462 3.79 16.06 29.47
CA ALA A 462 3.45 14.79 30.06
C ALA A 462 2.02 14.41 29.64
N GLY A 463 1.16 15.41 29.53
CA GLY A 463 -0.21 15.15 29.12
C GLY A 463 -0.25 14.68 27.68
N ILE A 464 0.66 15.20 26.88
CA ILE A 464 0.73 14.82 25.48
C ILE A 464 1.14 13.34 25.40
N LYS A 465 2.12 12.95 26.21
CA LYS A 465 2.57 11.58 26.24
C LYS A 465 1.45 10.62 26.64
N GLU A 466 0.71 10.97 27.68
CA GLU A 466 -0.38 10.10 28.14
C GLU A 466 -1.53 10.04 27.13
N SER A 467 -1.62 11.08 26.27
CA SER A 467 -2.70 11.13 25.29
C SER A 467 -2.52 10.09 24.19
N HIS A 468 -1.24 9.94 23.76
CA HIS A 468 -0.90 8.87 22.84
C HIS A 468 -0.81 7.54 23.60
N PRO A 469 -0.89 6.44 22.84
CA PRO A 469 -0.67 5.12 23.41
C PRO A 469 0.70 5.09 24.12
N HIS A 470 0.75 4.40 25.28
CA HIS A 470 2.03 4.36 26.00
C HIS A 470 2.23 3.07 26.79
N ASP A 471 3.49 2.83 27.14
CA ASP A 471 3.87 1.66 27.93
C ASP A 471 3.31 0.38 27.33
N ILE A 472 3.44 0.27 26.02
CA ILE A 472 2.95 -0.89 25.28
C ILE A 472 3.75 -1.07 23.99
N ILE A 473 3.89 -2.32 23.54
CA ILE A 473 4.58 -2.61 22.30
C ILE A 473 3.46 -2.79 21.28
N ILE A 474 3.20 -1.77 20.50
CA ILE A 474 2.13 -1.82 19.51
C ILE A 474 2.36 -2.87 18.43
N THR A 475 1.29 -3.60 18.10
CA THR A 475 1.34 -4.64 17.08
C THR A 475 0.35 -4.28 15.98
N ASN A 476 -0.57 -3.36 16.28
CA ASN A 476 -1.54 -2.93 15.29
C ASN A 476 -2.33 -1.70 15.75
N GLU A 477 -2.30 -0.66 14.91
CA GLU A 477 -2.89 0.68 15.05
C GLU A 477 -3.90 0.98 13.94
N ALA A 478 -4.41 -0.13 13.36
CA ALA A 478 -5.26 -0.02 12.16
C ALA A 478 -6.53 0.79 12.41
N PRO A 479 -6.85 1.64 11.41
CA PRO A 479 -8.07 2.41 11.39
C PRO A 479 -9.08 1.81 10.39
N ASN A 480 -10.00 0.98 10.91
CA ASN A 480 -11.03 0.44 10.03
C ASN A 480 -12.44 0.71 10.56
N LYS B 3 32.75 -44.51 12.42
CA LYS B 3 31.33 -44.39 11.99
C LYS B 3 30.85 -42.94 12.04
N PHE B 4 30.91 -42.33 13.22
CA PHE B 4 30.46 -40.96 13.39
C PHE B 4 31.33 -39.96 12.66
N VAL B 5 32.64 -40.17 12.68
CA VAL B 5 33.53 -39.27 11.97
C VAL B 5 33.30 -39.42 10.47
N GLU B 6 33.01 -40.65 10.04
CA GLU B 6 32.76 -40.91 8.63
C GLU B 6 31.50 -40.16 8.19
N LYS B 7 30.53 -40.02 9.09
CA LYS B 7 29.30 -39.30 8.78
C LYS B 7 29.66 -37.88 8.35
N LEU B 8 30.67 -37.30 8.99
CA LEU B 8 31.09 -35.95 8.68
C LEU B 8 31.96 -35.91 7.42
N GLU B 9 32.90 -36.84 7.32
CA GLU B 9 33.79 -36.90 6.16
C GLU B 9 33.05 -37.23 4.86
N LYS B 10 31.96 -37.98 4.95
CA LYS B 10 31.19 -38.33 3.75
C LYS B 10 30.04 -37.38 3.47
N ALA B 11 29.84 -36.41 4.35
CA ALA B 11 28.75 -35.45 4.15
C ALA B 11 29.05 -34.57 2.95
N ILE B 12 28.07 -34.40 2.09
CA ILE B 12 28.25 -33.54 0.92
C ILE B 12 27.78 -32.14 1.28
N LYS B 13 28.29 -31.15 0.56
CA LYS B 13 27.92 -29.77 0.81
C LYS B 13 26.60 -29.45 0.10
N GLY B 14 25.71 -28.75 0.81
CA GLY B 14 24.44 -28.38 0.23
C GLY B 14 24.43 -26.88 -0.05
N TYR B 15 23.90 -26.49 -1.21
CA TYR B 15 23.84 -25.09 -1.58
C TYR B 15 22.43 -24.55 -1.60
N THR B 16 22.27 -23.27 -1.28
CA THR B 16 20.97 -22.64 -1.31
C THR B 16 21.03 -21.55 -2.39
N PHE B 17 19.91 -20.86 -2.61
CA PHE B 17 19.85 -19.83 -3.64
C PHE B 17 21.04 -18.87 -3.68
N ASP B 18 21.35 -18.24 -2.55
CA ASP B 18 22.45 -17.28 -2.49
C ASP B 18 23.86 -17.81 -2.77
N ASP B 19 24.08 -19.12 -2.66
CA ASP B 19 25.41 -19.70 -2.90
C ASP B 19 25.76 -19.78 -4.39
N VAL B 20 24.78 -19.57 -5.26
CA VAL B 20 25.06 -19.69 -6.68
C VAL B 20 24.54 -18.58 -7.58
N LEU B 21 25.15 -18.49 -8.75
CA LEU B 21 24.77 -17.52 -9.78
C LEU B 21 24.78 -18.26 -11.11
N LEU B 22 23.92 -17.85 -12.04
CA LEU B 22 23.89 -18.45 -13.36
C LEU B 22 24.88 -17.69 -14.23
N ILE B 23 25.57 -18.41 -15.10
CA ILE B 23 26.55 -17.80 -15.98
C ILE B 23 25.91 -17.29 -17.28
N PRO B 24 26.22 -16.05 -17.68
CA PRO B 24 25.65 -15.50 -18.92
C PRO B 24 26.20 -16.27 -20.12
N GLN B 25 25.33 -16.50 -21.11
CA GLN B 25 25.72 -17.24 -22.31
C GLN B 25 25.28 -16.50 -23.57
N ALA B 26 25.74 -16.97 -24.73
CA ALA B 26 25.35 -16.36 -26.00
C ALA B 26 23.82 -16.47 -26.09
N THR B 27 23.16 -15.40 -26.50
CA THR B 27 21.71 -15.44 -26.59
C THR B 27 21.17 -14.88 -27.91
N GLU B 28 20.01 -15.39 -28.31
CA GLU B 28 19.35 -14.94 -29.53
C GLU B 28 17.92 -14.55 -29.22
N VAL B 29 17.67 -14.24 -27.95
CA VAL B 29 16.34 -13.83 -27.52
C VAL B 29 16.42 -12.78 -26.43
N GLU B 30 15.51 -11.82 -26.47
CA GLU B 30 15.46 -10.78 -25.46
C GLU B 30 14.25 -11.13 -24.61
N PRO B 31 14.15 -10.56 -23.39
CA PRO B 31 13.01 -10.84 -22.50
C PRO B 31 11.67 -10.97 -23.21
N LYS B 32 11.39 -10.04 -24.10
CA LYS B 32 10.14 -10.00 -24.85
C LYS B 32 9.74 -11.28 -25.61
N ASP B 33 10.72 -12.06 -26.07
CA ASP B 33 10.40 -13.27 -26.83
C ASP B 33 10.47 -14.56 -26.01
N VAL B 34 10.70 -14.45 -24.71
CA VAL B 34 10.82 -15.64 -23.86
C VAL B 34 9.48 -16.26 -23.48
N ASP B 35 9.35 -17.57 -23.66
CA ASP B 35 8.13 -18.27 -23.30
C ASP B 35 8.33 -18.88 -21.92
N VAL B 36 7.41 -18.62 -21.00
CA VAL B 36 7.54 -19.13 -19.64
C VAL B 36 6.45 -20.11 -19.21
N SER B 37 5.75 -20.68 -20.18
CA SER B 37 4.70 -21.65 -19.86
C SER B 37 5.43 -22.88 -19.37
N THR B 38 4.76 -23.71 -18.58
CA THR B 38 5.42 -24.90 -18.04
C THR B 38 4.43 -25.97 -17.64
N ARG B 39 4.79 -27.24 -17.91
CA ARG B 39 3.92 -28.34 -17.55
C ARG B 39 4.28 -28.84 -16.16
N ILE B 40 3.27 -29.01 -15.31
CA ILE B 40 3.48 -29.48 -13.94
C ILE B 40 2.87 -30.87 -13.70
N THR B 41 1.90 -31.24 -14.53
CA THR B 41 1.25 -32.55 -14.46
C THR B 41 0.82 -32.91 -15.88
N PRO B 42 0.57 -34.21 -16.16
CA PRO B 42 0.16 -34.63 -17.50
C PRO B 42 -0.99 -33.82 -18.10
N ASN B 43 -1.94 -33.41 -17.27
CA ASN B 43 -3.09 -32.66 -17.75
C ASN B 43 -3.13 -31.20 -17.35
N VAL B 44 -2.00 -30.66 -16.91
CA VAL B 44 -1.95 -29.26 -16.51
C VAL B 44 -0.70 -28.53 -16.93
N LYS B 45 -0.87 -27.50 -17.74
CA LYS B 45 0.25 -26.67 -18.17
C LYS B 45 -0.09 -25.23 -17.78
N LEU B 46 0.82 -24.59 -17.05
CA LEU B 46 0.62 -23.22 -16.62
C LEU B 46 1.29 -22.25 -17.60
N ASN B 47 0.79 -21.03 -17.69
CA ASN B 47 1.40 -20.07 -18.59
C ASN B 47 2.56 -19.32 -17.94
N ILE B 48 2.68 -19.45 -16.62
CA ILE B 48 3.81 -18.88 -15.85
C ILE B 48 4.11 -19.96 -14.82
N PRO B 49 5.40 -20.20 -14.52
CA PRO B 49 5.83 -21.21 -13.55
C PRO B 49 5.69 -20.87 -12.07
N ILE B 50 4.49 -20.48 -11.66
CA ILE B 50 4.26 -20.08 -10.28
C ILE B 50 2.93 -20.52 -9.66
N LEU B 51 3.02 -21.05 -8.45
CA LEU B 51 1.85 -21.47 -7.68
C LEU B 51 1.85 -20.70 -6.36
N SER B 52 0.67 -20.36 -5.85
CA SER B 52 0.60 -19.66 -4.57
C SER B 52 0.49 -20.72 -3.48
N ALA B 53 1.24 -20.52 -2.41
CA ALA B 53 1.28 -21.47 -1.30
C ALA B 53 -0.08 -21.75 -0.68
N ALA B 54 -0.24 -22.96 -0.16
CA ALA B 54 -1.49 -23.37 0.48
C ALA B 54 -1.41 -22.98 1.96
N MET B 55 -1.51 -21.69 2.22
CA MET B 55 -1.42 -21.17 3.60
C MET B 55 -2.61 -20.23 3.85
N ASP B 56 -3.12 -20.22 5.09
CA ASP B 56 -4.27 -19.39 5.41
C ASP B 56 -4.05 -17.88 5.38
N THR B 57 -2.82 -17.45 5.12
CA THR B 57 -2.57 -16.02 5.02
C THR B 57 -2.15 -15.74 3.58
N VAL B 58 -2.25 -16.76 2.73
CA VAL B 58 -1.86 -16.57 1.33
C VAL B 58 -2.91 -16.94 0.29
N THR B 59 -3.45 -18.14 0.37
CA THR B 59 -4.40 -18.53 -0.66
C THR B 59 -5.80 -19.01 -0.31
N GLU B 60 -6.78 -18.17 -0.65
CA GLU B 60 -8.18 -18.53 -0.51
C GLU B 60 -8.71 -18.19 -1.91
N TRP B 61 -10.02 -18.18 -2.12
CA TRP B 61 -10.55 -17.94 -3.46
C TRP B 61 -10.10 -16.70 -4.22
N GLU B 62 -9.96 -15.55 -3.56
CA GLU B 62 -9.55 -14.36 -4.30
C GLU B 62 -8.15 -14.51 -4.88
N MET B 63 -7.24 -15.10 -4.10
CA MET B 63 -5.87 -15.31 -4.56
C MET B 63 -5.87 -16.31 -5.72
N ALA B 64 -6.56 -17.43 -5.54
CA ALA B 64 -6.65 -18.47 -6.57
C ALA B 64 -7.15 -17.90 -7.89
N VAL B 65 -8.16 -17.02 -7.82
CA VAL B 65 -8.69 -16.39 -9.01
C VAL B 65 -7.63 -15.50 -9.65
N ALA B 66 -6.94 -14.71 -8.84
CA ALA B 66 -5.91 -13.81 -9.34
C ALA B 66 -4.75 -14.57 -9.99
N MET B 67 -4.33 -15.67 -9.36
CA MET B 67 -3.23 -16.47 -9.89
C MET B 67 -3.57 -17.07 -11.26
N ALA B 68 -4.73 -17.72 -11.34
CA ALA B 68 -5.17 -18.36 -12.58
C ALA B 68 -5.35 -17.38 -13.72
N ARG B 69 -5.90 -16.20 -13.43
CA ARG B 69 -6.09 -15.19 -14.47
C ARG B 69 -4.75 -14.74 -15.06
N GLU B 70 -3.68 -14.86 -14.28
CA GLU B 70 -2.35 -14.46 -14.72
C GLU B 70 -1.59 -15.63 -15.35
N GLY B 71 -2.17 -16.83 -15.28
CA GLY B 71 -1.52 -17.98 -15.86
C GLY B 71 -0.91 -18.92 -14.85
N GLY B 72 -0.96 -18.53 -13.58
CA GLY B 72 -0.40 -19.39 -12.54
C GLY B 72 -1.48 -20.26 -11.92
N LEU B 73 -1.21 -20.78 -10.73
CA LEU B 73 -2.16 -21.64 -10.05
C LEU B 73 -2.21 -21.38 -8.54
N GLY B 74 -3.41 -21.28 -7.99
CA GLY B 74 -3.56 -21.08 -6.56
C GLY B 74 -3.94 -22.38 -5.89
N VAL B 75 -3.35 -22.65 -4.73
CA VAL B 75 -3.66 -23.88 -4.00
C VAL B 75 -4.43 -23.48 -2.74
N ILE B 76 -5.74 -23.67 -2.75
CA ILE B 76 -6.57 -23.33 -1.60
C ILE B 76 -6.10 -24.13 -0.38
N HIS B 77 -5.81 -23.43 0.71
CA HIS B 77 -5.34 -24.09 1.92
C HIS B 77 -6.39 -24.97 2.61
N ARG B 78 -5.93 -25.87 3.46
CA ARG B 78 -6.81 -26.79 4.16
C ARG B 78 -7.06 -26.48 5.64
N ASN B 79 -6.82 -25.26 6.07
CA ASN B 79 -7.05 -24.90 7.47
C ASN B 79 -8.46 -24.33 7.58
N MET B 80 -9.42 -25.13 7.16
CA MET B 80 -10.83 -24.76 7.19
C MET B 80 -11.65 -26.04 7.06
N GLY B 81 -12.97 -25.94 7.18
CA GLY B 81 -13.81 -27.12 7.06
C GLY B 81 -13.86 -27.62 5.62
N ILE B 82 -14.28 -28.86 5.44
CA ILE B 82 -14.37 -29.44 4.11
C ILE B 82 -15.36 -28.68 3.23
N GLU B 83 -16.53 -28.36 3.77
CA GLU B 83 -17.54 -27.62 3.02
C GLU B 83 -17.01 -26.24 2.65
N GLU B 84 -16.26 -25.62 3.56
CA GLU B 84 -15.69 -24.30 3.31
C GLU B 84 -14.75 -24.38 2.11
N GLN B 85 -13.81 -25.32 2.16
CA GLN B 85 -12.84 -25.48 1.08
C GLN B 85 -13.55 -25.81 -0.24
N VAL B 86 -14.61 -26.61 -0.17
CA VAL B 86 -15.36 -26.96 -1.36
C VAL B 86 -15.98 -25.70 -1.95
N GLU B 87 -16.56 -24.85 -1.10
CA GLU B 87 -17.18 -23.61 -1.57
C GLU B 87 -16.10 -22.74 -2.23
N GLN B 88 -14.95 -22.62 -1.58
CA GLN B 88 -13.84 -21.83 -2.11
C GLN B 88 -13.53 -22.27 -3.55
N VAL B 89 -13.40 -23.58 -3.75
CA VAL B 89 -13.11 -24.14 -5.06
C VAL B 89 -14.22 -23.82 -6.07
N LYS B 90 -15.47 -23.93 -5.63
CA LYS B 90 -16.60 -23.65 -6.51
C LYS B 90 -16.62 -22.18 -6.92
N ARG B 91 -16.25 -21.30 -5.99
CA ARG B 91 -16.23 -19.87 -6.27
C ARG B 91 -15.17 -19.52 -7.32
N VAL B 92 -14.04 -20.21 -7.28
CA VAL B 92 -12.99 -19.95 -8.24
C VAL B 92 -13.42 -20.42 -9.64
N LYS B 93 -14.06 -21.58 -9.68
CA LYS B 93 -14.52 -22.16 -10.93
C LYS B 93 -15.60 -21.34 -11.63
N ARG B 94 -16.41 -20.62 -10.86
CA ARG B 94 -17.48 -19.81 -11.45
C ARG B 94 -17.16 -18.32 -11.48
N ALA B 95 -15.88 -17.98 -11.40
CA ALA B 95 -15.44 -16.59 -11.42
C ALA B 95 -15.79 -15.89 -12.73
N LYS B 207 -9.85 -8.04 -20.36
CA LYS B 207 -9.63 -9.47 -20.52
C LYS B 207 -8.37 -9.92 -19.77
N TYR B 208 -8.20 -11.23 -19.65
CA TYR B 208 -6.97 -11.83 -19.13
C TYR B 208 -6.41 -12.81 -20.14
N LYS B 209 -5.57 -12.31 -21.04
CA LYS B 209 -4.98 -13.11 -22.11
C LYS B 209 -4.16 -14.32 -21.70
N ASN B 210 -3.55 -14.30 -20.52
CA ASN B 210 -2.75 -15.44 -20.10
C ASN B 210 -3.41 -16.40 -19.11
N ALA B 211 -4.69 -16.24 -18.86
CA ALA B 211 -5.38 -17.12 -17.92
C ALA B 211 -5.34 -18.60 -18.29
N VAL B 212 -5.23 -19.47 -17.30
CA VAL B 212 -5.23 -20.91 -17.52
C VAL B 212 -6.65 -21.37 -17.18
N ARG B 213 -7.29 -22.06 -18.12
CA ARG B 213 -8.68 -22.51 -17.94
C ARG B 213 -8.84 -23.99 -18.28
N ASP B 214 -9.90 -24.60 -17.80
CA ASP B 214 -10.17 -26.02 -18.11
C ASP B 214 -10.89 -26.12 -19.45
N GLU B 215 -11.40 -27.30 -19.78
CA GLU B 215 -12.10 -27.50 -21.06
C GLU B 215 -13.37 -26.68 -21.18
N ASN B 216 -13.95 -26.30 -20.04
CA ASN B 216 -15.17 -25.53 -20.03
C ASN B 216 -14.92 -24.03 -19.85
N GLY B 217 -13.67 -23.61 -20.04
CA GLY B 217 -13.33 -22.21 -19.89
C GLY B 217 -13.34 -21.68 -18.48
N GLU B 218 -13.29 -22.58 -17.50
CA GLU B 218 -13.27 -22.18 -16.10
C GLU B 218 -11.81 -22.11 -15.62
N LEU B 219 -11.52 -21.15 -14.75
CA LEU B 219 -10.18 -20.99 -14.22
C LEU B 219 -9.73 -22.24 -13.47
N LEU B 220 -8.48 -22.64 -13.68
CA LEU B 220 -7.95 -23.81 -12.99
C LEU B 220 -7.81 -23.46 -11.51
N VAL B 221 -7.81 -24.48 -10.66
CA VAL B 221 -7.65 -24.26 -9.24
C VAL B 221 -7.16 -25.55 -8.60
N ALA B 222 -6.36 -25.41 -7.55
CA ALA B 222 -5.83 -26.57 -6.84
C ALA B 222 -6.25 -26.45 -5.38
N ALA B 223 -6.12 -27.54 -4.62
CA ALA B 223 -6.49 -27.51 -3.22
C ALA B 223 -5.65 -28.51 -2.44
N ALA B 224 -5.32 -28.15 -1.20
CA ALA B 224 -4.51 -29.00 -0.34
C ALA B 224 -5.32 -29.91 0.55
N VAL B 225 -4.76 -31.08 0.84
CA VAL B 225 -5.38 -32.05 1.72
C VAL B 225 -4.27 -32.81 2.45
N SER B 226 -4.62 -33.39 3.59
CA SER B 226 -3.68 -34.19 4.36
C SER B 226 -3.62 -35.54 3.67
N PRO B 227 -2.49 -36.25 3.77
CA PRO B 227 -2.43 -37.56 3.10
C PRO B 227 -3.44 -38.57 3.62
N PHE B 228 -4.03 -38.28 4.79
CA PHE B 228 -5.01 -39.17 5.42
C PHE B 228 -6.46 -38.70 5.24
N ASP B 229 -6.66 -37.51 4.67
CA ASP B 229 -8.02 -37.01 4.51
C ASP B 229 -8.68 -37.37 3.18
N ILE B 230 -9.07 -38.63 3.04
CA ILE B 230 -9.72 -39.09 1.81
C ILE B 230 -11.11 -38.48 1.62
N LYS B 231 -11.84 -38.28 2.70
CA LYS B 231 -13.16 -37.68 2.62
C LYS B 231 -13.08 -36.28 2.00
N ARG B 232 -12.10 -35.49 2.43
CA ARG B 232 -11.91 -34.15 1.90
C ARG B 232 -11.49 -34.21 0.43
N ALA B 233 -10.54 -35.07 0.11
CA ALA B 233 -10.07 -35.21 -1.27
C ALA B 233 -11.24 -35.56 -2.21
N ILE B 234 -12.12 -36.45 -1.75
CA ILE B 234 -13.26 -36.83 -2.56
C ILE B 234 -14.18 -35.64 -2.85
N GLU B 235 -14.55 -34.91 -1.81
CA GLU B 235 -15.44 -33.76 -1.99
C GLU B 235 -14.83 -32.68 -2.89
N LEU B 236 -13.52 -32.47 -2.78
CA LEU B 236 -12.86 -31.47 -3.61
C LEU B 236 -12.87 -31.93 -5.07
N ASP B 237 -12.65 -33.23 -5.28
CA ASP B 237 -12.65 -33.79 -6.62
C ASP B 237 -14.03 -33.61 -7.26
N LYS B 238 -15.08 -33.96 -6.51
CA LYS B 238 -16.44 -33.83 -7.00
C LYS B 238 -16.77 -32.35 -7.26
N ALA B 239 -16.10 -31.46 -6.53
CA ALA B 239 -16.32 -30.03 -6.68
C ALA B 239 -15.61 -29.47 -7.91
N GLY B 240 -14.89 -30.33 -8.64
CA GLY B 240 -14.20 -29.89 -9.83
C GLY B 240 -12.81 -29.29 -9.65
N VAL B 241 -12.10 -29.70 -8.61
CA VAL B 241 -10.74 -29.19 -8.39
C VAL B 241 -9.87 -29.81 -9.48
N ASP B 242 -8.93 -29.03 -10.01
CA ASP B 242 -8.06 -29.52 -11.09
C ASP B 242 -6.84 -30.28 -10.60
N VAL B 243 -6.31 -29.86 -9.45
CA VAL B 243 -5.15 -30.51 -8.88
C VAL B 243 -5.32 -30.69 -7.38
N ILE B 244 -5.05 -31.91 -6.90
CA ILE B 244 -5.13 -32.22 -5.48
C ILE B 244 -3.68 -32.20 -5.02
N VAL B 245 -3.39 -31.39 -4.00
CA VAL B 245 -2.03 -31.30 -3.48
C VAL B 245 -1.95 -31.92 -2.09
N VAL B 246 -1.29 -33.06 -1.98
CA VAL B 246 -1.11 -33.71 -0.68
C VAL B 246 -0.06 -32.85 0.01
N ASP B 247 -0.47 -32.19 1.09
CA ASP B 247 0.39 -31.26 1.78
C ASP B 247 0.78 -31.68 3.19
N THR B 248 2.03 -32.15 3.34
CA THR B 248 2.52 -32.59 4.63
C THR B 248 3.99 -32.18 4.81
N ALA B 249 4.43 -32.05 6.06
CA ALA B 249 5.81 -31.66 6.34
C ALA B 249 6.84 -32.64 5.80
N HIS B 250 6.59 -33.93 5.98
CA HIS B 250 7.49 -34.99 5.54
C HIS B 250 6.67 -36.05 4.81
N ALA B 251 6.65 -35.98 3.49
CA ALA B 251 5.88 -36.92 2.69
C ALA B 251 6.46 -38.32 2.65
N HIS B 252 7.73 -38.49 3.02
CA HIS B 252 8.32 -39.82 2.98
C HIS B 252 8.01 -40.64 4.23
N ASN B 253 6.72 -40.67 4.58
CA ASN B 253 6.14 -41.47 5.66
C ASN B 253 5.33 -42.62 5.07
N LEU B 254 5.83 -43.84 5.31
CA LEU B 254 5.28 -44.99 4.59
C LEU B 254 3.81 -45.24 4.90
N LYS B 255 3.40 -44.92 6.15
CA LYS B 255 1.99 -45.05 6.48
C LYS B 255 1.16 -44.02 5.71
N ALA B 256 1.69 -42.81 5.58
CA ALA B 256 0.98 -41.76 4.85
C ALA B 256 0.93 -42.08 3.35
N ILE B 257 2.01 -42.65 2.83
CA ILE B 257 2.08 -43.01 1.43
C ILE B 257 1.02 -44.07 1.09
N LYS B 258 0.79 -45.01 2.00
CA LYS B 258 -0.23 -46.03 1.77
C LYS B 258 -1.59 -45.37 1.64
N SER B 259 -1.84 -44.37 2.47
CA SER B 259 -3.10 -43.65 2.42
C SER B 259 -3.18 -42.81 1.14
N MET B 260 -2.05 -42.29 0.69
CA MET B 260 -2.01 -41.47 -0.52
C MET B 260 -2.41 -42.29 -1.75
N LYS B 261 -1.92 -43.52 -1.83
CA LYS B 261 -2.23 -44.40 -2.96
C LYS B 261 -3.73 -44.69 -3.00
N GLU B 262 -4.33 -44.83 -1.81
CA GLU B 262 -5.76 -45.09 -1.69
C GLU B 262 -6.51 -43.86 -2.17
N MET B 263 -5.98 -42.68 -1.85
CA MET B 263 -6.60 -41.42 -2.25
C MET B 263 -6.50 -41.26 -3.77
N ARG B 264 -5.31 -41.52 -4.30
CA ARG B 264 -5.03 -41.41 -5.72
C ARG B 264 -6.00 -42.23 -6.58
N GLN B 265 -6.34 -43.44 -6.12
CA GLN B 265 -7.24 -44.28 -6.87
C GLN B 265 -8.72 -43.87 -6.77
N LYS B 266 -9.02 -42.91 -5.88
CA LYS B 266 -10.38 -42.43 -5.72
C LYS B 266 -10.67 -41.07 -6.36
N VAL B 267 -9.64 -40.37 -6.85
CA VAL B 267 -9.88 -39.06 -7.45
C VAL B 267 -9.39 -38.96 -8.89
N ASP B 268 -10.04 -38.08 -9.66
CA ASP B 268 -9.68 -37.88 -11.06
C ASP B 268 -8.71 -36.72 -11.24
N ALA B 269 -8.71 -35.78 -10.31
CA ALA B 269 -7.82 -34.61 -10.40
C ALA B 269 -6.36 -35.05 -10.43
N ASP B 270 -5.50 -34.22 -11.01
CA ASP B 270 -4.09 -34.55 -11.04
C ASP B 270 -3.61 -34.56 -9.59
N PHE B 271 -2.52 -35.27 -9.34
CA PHE B 271 -2.00 -35.50 -7.98
C PHE B 271 -0.56 -35.03 -7.75
N ILE B 272 -0.38 -34.11 -6.81
CA ILE B 272 0.94 -33.61 -6.45
C ILE B 272 1.20 -33.95 -4.99
N VAL B 273 2.31 -34.62 -4.71
CA VAL B 273 2.69 -34.94 -3.34
C VAL B 273 3.82 -34.05 -2.81
N GLY B 274 3.56 -33.41 -1.64
CA GLY B 274 4.60 -32.65 -0.96
C GLY B 274 4.57 -32.97 0.55
N ASN B 275 5.69 -32.70 1.26
CA ASN B 275 6.91 -32.16 0.66
C ASN B 275 8.09 -33.12 0.91
N ILE B 276 9.12 -33.05 0.03
CA ILE B 276 10.29 -33.90 0.21
C ILE B 276 11.59 -33.16 -0.11
N ALA B 277 12.71 -33.79 0.30
CA ALA B 277 14.02 -33.20 0.03
C ALA B 277 15.11 -34.24 -0.21
N ASN B 278 14.67 -35.52 -0.26
CA ASN B 278 15.60 -36.60 -0.50
C ASN B 278 15.19 -37.35 -1.78
N PRO B 279 16.08 -37.56 -2.76
CA PRO B 279 15.66 -38.27 -3.96
C PRO B 279 15.07 -39.65 -3.70
N LYS B 280 15.49 -40.30 -2.62
CA LYS B 280 14.97 -41.63 -2.32
C LYS B 280 13.45 -41.61 -2.12
N ALA B 281 12.91 -40.45 -1.79
CA ALA B 281 11.47 -40.32 -1.60
C ALA B 281 10.73 -40.47 -2.92
N VAL B 282 11.36 -40.04 -4.01
CA VAL B 282 10.74 -40.12 -5.33
C VAL B 282 10.41 -41.56 -5.68
N ASP B 283 11.33 -42.48 -5.39
CA ASP B 283 11.13 -43.89 -5.67
C ASP B 283 9.79 -44.41 -5.14
N ASP B 284 9.42 -43.98 -3.95
CA ASP B 284 8.18 -44.44 -3.33
C ASP B 284 6.98 -43.56 -3.67
N LEU B 285 7.15 -42.58 -4.53
CA LEU B 285 6.04 -41.70 -4.87
C LEU B 285 5.69 -41.67 -6.36
N THR B 286 6.15 -42.65 -7.14
CA THR B 286 5.89 -42.66 -8.58
C THR B 286 4.43 -42.68 -8.99
N PHE B 287 3.52 -42.98 -8.06
CA PHE B 287 2.09 -43.00 -8.38
C PHE B 287 1.55 -41.58 -8.51
N ALA B 288 2.35 -40.58 -8.12
CA ALA B 288 1.91 -39.19 -8.19
C ALA B 288 2.32 -38.58 -9.54
N ASP B 289 1.80 -37.40 -9.85
CA ASP B 289 2.13 -36.71 -11.09
C ASP B 289 3.30 -35.76 -10.88
N ALA B 290 3.49 -35.34 -9.64
CA ALA B 290 4.57 -34.42 -9.32
C ALA B 290 4.89 -34.38 -7.82
N VAL B 291 6.12 -34.04 -7.50
CA VAL B 291 6.54 -33.93 -6.11
C VAL B 291 6.92 -32.47 -5.83
N LYS B 292 6.66 -32.03 -4.61
CA LYS B 292 6.96 -30.67 -4.20
C LYS B 292 8.18 -30.75 -3.29
N VAL B 293 9.21 -30.00 -3.63
CA VAL B 293 10.47 -30.00 -2.89
C VAL B 293 10.66 -28.84 -1.93
N GLY B 294 11.05 -29.16 -0.71
CA GLY B 294 11.30 -28.11 0.27
C GLY B 294 11.07 -28.49 1.71
N ILE B 295 12.14 -28.71 2.44
CA ILE B 295 12.01 -29.03 3.85
C ILE B 295 12.91 -28.10 4.66
N GLY B 296 12.27 -27.06 5.22
CA GLY B 296 12.99 -26.09 6.03
C GLY B 296 13.39 -24.74 5.43
N PRO B 297 13.24 -24.50 4.11
CA PRO B 297 13.64 -23.21 3.55
C PRO B 297 12.66 -22.03 3.68
N GLY B 298 11.40 -22.33 3.99
CA GLY B 298 10.40 -21.27 4.10
C GLY B 298 10.80 -20.08 4.95
N SER B 299 10.36 -18.89 4.54
CA SER B 299 10.68 -17.68 5.29
C SER B 299 10.16 -17.72 6.73
N ILE B 300 9.06 -18.42 6.99
CA ILE B 300 8.49 -18.52 8.34
C ILE B 300 8.66 -19.92 8.93
N CYS B 301 9.51 -20.73 8.31
CA CYS B 301 9.73 -22.10 8.77
C CYS B 301 10.85 -22.21 9.81
N THR B 302 10.62 -23.01 10.85
CA THR B 302 11.61 -23.21 11.90
C THR B 302 11.93 -24.69 12.07
N THR B 303 11.53 -25.48 11.08
CA THR B 303 11.75 -26.93 11.11
C THR B 303 13.21 -27.29 11.29
N ARG B 304 14.09 -26.61 10.58
CA ARG B 304 15.52 -26.92 10.68
C ARG B 304 16.07 -26.60 12.06
N ILE B 305 15.46 -25.63 12.74
CA ILE B 305 15.90 -25.23 14.08
C ILE B 305 15.27 -26.12 15.16
N VAL B 306 14.00 -26.46 14.98
CA VAL B 306 13.28 -27.29 15.93
C VAL B 306 13.64 -28.77 15.80
N ALA B 307 13.67 -29.28 14.58
CA ALA B 307 13.97 -30.69 14.36
C ALA B 307 15.40 -30.98 13.89
N GLY B 308 16.11 -29.95 13.44
CA GLY B 308 17.47 -30.13 12.99
C GLY B 308 17.57 -30.83 11.64
N VAL B 309 16.46 -30.88 10.93
CA VAL B 309 16.40 -31.57 9.63
C VAL B 309 16.14 -30.66 8.43
N GLY B 310 16.77 -31.01 7.31
CA GLY B 310 16.59 -30.23 6.09
C GLY B 310 17.73 -30.34 5.10
N VAL B 311 17.51 -29.83 3.90
CA VAL B 311 18.51 -29.84 2.85
C VAL B 311 18.45 -28.50 2.12
N PRO B 312 19.60 -27.81 1.95
CA PRO B 312 19.61 -26.52 1.25
C PRO B 312 18.82 -26.70 -0.06
N GLN B 313 17.93 -25.75 -0.34
CA GLN B 313 17.04 -25.85 -1.50
C GLN B 313 17.58 -26.14 -2.90
N ILE B 314 18.65 -25.45 -3.33
CA ILE B 314 19.17 -25.70 -4.67
C ILE B 314 19.63 -27.16 -4.78
N THR B 315 20.36 -27.63 -3.77
CA THR B 315 20.81 -29.02 -3.78
C THR B 315 19.63 -29.98 -3.73
N ALA B 316 18.62 -29.65 -2.90
CA ALA B 316 17.44 -30.49 -2.77
C ALA B 316 16.70 -30.65 -4.09
N VAL B 317 16.48 -29.54 -4.78
CA VAL B 317 15.78 -29.56 -6.06
C VAL B 317 16.56 -30.34 -7.13
N ALA B 318 17.88 -30.14 -7.15
CA ALA B 318 18.73 -30.81 -8.14
C ALA B 318 18.70 -32.33 -7.95
N MET B 319 18.86 -32.79 -6.72
CA MET B 319 18.86 -34.23 -6.44
C MET B 319 17.51 -34.86 -6.75
N VAL B 320 16.44 -34.23 -6.30
CA VAL B 320 15.09 -34.71 -6.55
C VAL B 320 14.76 -34.69 -8.04
N ALA B 321 15.12 -33.60 -8.72
CA ALA B 321 14.84 -33.48 -10.14
C ALA B 321 15.48 -34.59 -10.99
N ASP B 322 16.71 -34.98 -10.68
CA ASP B 322 17.36 -36.04 -11.45
C ASP B 322 16.60 -37.38 -11.29
N ARG B 323 16.11 -37.65 -10.09
CA ARG B 323 15.39 -38.88 -9.83
C ARG B 323 13.97 -38.84 -10.39
N ALA B 324 13.34 -37.67 -10.32
CA ALA B 324 11.99 -37.47 -10.82
C ALA B 324 11.96 -37.61 -12.34
N GLN B 325 13.02 -37.15 -12.99
CA GLN B 325 13.12 -37.20 -14.45
C GLN B 325 13.13 -38.65 -14.93
N GLU B 326 13.78 -39.53 -14.17
CA GLU B 326 13.85 -40.94 -14.53
C GLU B 326 12.47 -41.58 -14.48
N TYR B 327 11.60 -41.09 -13.59
CA TYR B 327 10.26 -41.64 -13.44
C TYR B 327 9.15 -40.90 -14.18
N GLY B 328 9.47 -39.76 -14.77
CA GLY B 328 8.47 -39.01 -15.51
C GLY B 328 7.64 -38.07 -14.65
N LEU B 329 8.11 -37.78 -13.43
CA LEU B 329 7.40 -36.87 -12.53
C LEU B 329 7.91 -35.44 -12.69
N TYR B 330 7.02 -34.47 -12.45
CA TYR B 330 7.41 -33.07 -12.53
C TYR B 330 7.88 -32.64 -11.13
N VAL B 331 8.51 -31.48 -11.05
CA VAL B 331 9.03 -31.00 -9.78
C VAL B 331 8.66 -29.54 -9.49
N ILE B 332 8.21 -29.28 -8.28
CA ILE B 332 7.86 -27.93 -7.87
C ILE B 332 8.77 -27.53 -6.69
N ALA B 333 9.46 -26.40 -6.81
CA ALA B 333 10.35 -25.92 -5.74
C ALA B 333 9.56 -25.03 -4.80
N ASP B 334 9.37 -25.52 -3.59
CA ASP B 334 8.57 -24.83 -2.60
C ASP B 334 9.30 -24.19 -1.43
N GLY B 335 9.21 -22.86 -1.32
CA GLY B 335 9.82 -22.14 -0.22
C GLY B 335 11.22 -21.58 -0.38
N GLY B 336 11.51 -20.50 0.34
CA GLY B 336 12.82 -19.90 0.28
C GLY B 336 13.07 -18.88 -0.82
N ILE B 337 12.08 -18.68 -1.67
CA ILE B 337 12.21 -17.73 -2.78
C ILE B 337 11.92 -16.31 -2.31
N ARG B 338 12.91 -15.43 -2.47
CA ARG B 338 12.76 -14.04 -2.05
C ARG B 338 12.88 -13.05 -3.20
N TYR B 339 13.46 -13.50 -4.31
CA TYR B 339 13.66 -12.65 -5.46
C TYR B 339 13.38 -13.40 -6.76
N SER B 340 13.09 -12.66 -7.83
CA SER B 340 12.84 -13.30 -9.11
C SER B 340 14.07 -14.08 -9.55
N GLY B 341 15.24 -13.64 -9.09
CA GLY B 341 16.47 -14.33 -9.42
C GLY B 341 16.49 -15.76 -8.88
N ASP B 342 15.80 -15.96 -7.75
CA ASP B 342 15.72 -17.29 -7.13
C ASP B 342 14.89 -18.23 -7.99
N ILE B 343 13.91 -17.68 -8.69
CA ILE B 343 13.05 -18.48 -9.55
C ILE B 343 13.87 -18.99 -10.72
N VAL B 344 14.70 -18.12 -11.31
CA VAL B 344 15.55 -18.50 -12.43
C VAL B 344 16.48 -19.64 -12.01
N LYS B 345 17.05 -19.51 -10.81
CA LYS B 345 17.97 -20.53 -10.29
C LYS B 345 17.28 -21.86 -9.98
N ALA B 346 16.07 -21.80 -9.43
CA ALA B 346 15.33 -23.02 -9.10
C ALA B 346 15.03 -23.86 -10.34
N ILE B 347 14.63 -23.20 -11.42
CA ILE B 347 14.30 -23.92 -12.64
C ILE B 347 15.59 -24.47 -13.26
N ALA B 348 16.65 -23.66 -13.23
CA ALA B 348 17.93 -24.11 -13.78
C ALA B 348 18.40 -25.33 -12.98
N ALA B 349 17.97 -25.43 -11.73
CA ALA B 349 18.36 -26.54 -10.86
C ALA B 349 17.51 -27.79 -11.11
N GLY B 350 16.47 -27.67 -11.93
CA GLY B 350 15.62 -28.81 -12.24
C GLY B 350 14.13 -28.67 -12.00
N ALA B 351 13.71 -27.63 -11.28
CA ALA B 351 12.28 -27.45 -11.01
C ALA B 351 11.49 -27.04 -12.25
N ASP B 352 10.22 -27.42 -12.29
CA ASP B 352 9.35 -27.08 -13.40
C ASP B 352 8.55 -25.84 -13.04
N ALA B 353 8.48 -25.55 -11.75
CA ALA B 353 7.75 -24.38 -11.25
C ALA B 353 8.09 -24.17 -9.79
N VAL B 354 7.73 -23.01 -9.26
CA VAL B 354 8.02 -22.70 -7.86
C VAL B 354 6.74 -22.36 -7.14
N MET B 355 6.74 -22.52 -5.83
CA MET B 355 5.59 -22.18 -5.01
C MET B 355 6.03 -21.02 -4.11
N LEU B 356 5.18 -20.00 -4.00
CA LEU B 356 5.53 -18.82 -3.22
C LEU B 356 4.55 -18.53 -2.10
N GLY B 357 5.10 -18.14 -0.95
CA GLY B 357 4.28 -17.80 0.19
C GLY B 357 4.52 -16.34 0.52
N ASN B 358 5.70 -16.05 1.05
CA ASN B 358 6.09 -14.70 1.44
C ASN B 358 5.83 -13.65 0.35
N LEU B 359 6.34 -13.89 -0.85
CA LEU B 359 6.17 -12.94 -1.95
C LEU B 359 4.73 -12.66 -2.35
N LEU B 360 3.81 -13.55 -2.03
CA LEU B 360 2.41 -13.33 -2.38
C LEU B 360 1.60 -12.88 -1.17
N ALA B 361 2.12 -13.13 0.02
CA ALA B 361 1.43 -12.66 1.22
C ALA B 361 1.61 -11.15 1.12
N GLY B 362 0.71 -10.39 1.73
CA GLY B 362 0.87 -8.95 1.65
C GLY B 362 0.24 -8.33 0.40
N THR B 363 -0.27 -9.17 -0.49
CA THR B 363 -0.92 -8.64 -1.69
C THR B 363 -2.37 -8.38 -1.33
N LYS B 364 -3.05 -7.59 -2.15
CA LYS B 364 -4.44 -7.26 -1.93
C LYS B 364 -5.34 -8.49 -1.81
N GLU B 365 -5.06 -9.51 -2.62
CA GLU B 365 -5.87 -10.72 -2.62
C GLU B 365 -5.57 -11.73 -1.51
N ALA B 366 -4.43 -11.58 -0.85
CA ALA B 366 -4.07 -12.50 0.23
C ALA B 366 -5.05 -12.33 1.38
N PRO B 367 -5.54 -13.44 1.94
CA PRO B 367 -6.50 -13.39 3.05
C PRO B 367 -5.94 -12.97 4.42
N GLY B 368 -4.62 -12.75 4.49
CA GLY B 368 -4.01 -12.32 5.74
C GLY B 368 -4.59 -11.01 6.24
N LYS B 369 -4.76 -10.88 7.56
CA LYS B 369 -5.32 -9.66 8.14
C LYS B 369 -4.40 -8.45 8.00
N GLU B 370 -4.99 -7.31 7.70
CA GLU B 370 -4.23 -6.08 7.55
C GLU B 370 -3.71 -5.58 8.89
N VAL B 371 -2.51 -5.01 8.89
CA VAL B 371 -1.91 -4.48 10.09
C VAL B 371 -1.18 -3.18 9.80
N ILE B 372 -1.50 -2.14 10.58
CA ILE B 372 -0.88 -0.84 10.42
C ILE B 372 0.05 -0.57 11.60
N ILE B 373 1.27 -0.16 11.29
CA ILE B 373 2.27 0.15 12.29
C ILE B 373 3.08 1.32 11.77
N ASN B 374 3.24 2.36 12.60
CA ASN B 374 4.01 3.53 12.19
C ASN B 374 3.47 4.12 10.89
N GLY B 375 2.16 4.02 10.68
CA GLY B 375 1.57 4.54 9.46
C GLY B 375 1.76 3.68 8.23
N ARG B 376 2.57 2.62 8.35
CA ARG B 376 2.82 1.72 7.22
C ARG B 376 1.86 0.54 7.19
N LYS B 377 1.51 0.10 5.99
CA LYS B 377 0.60 -1.03 5.79
C LYS B 377 1.32 -2.37 5.70
N TYR B 378 0.81 -3.35 6.43
CA TYR B 378 1.36 -4.70 6.46
C TYR B 378 0.20 -5.66 6.45
N LYS B 379 0.52 -6.92 6.20
CA LYS B 379 -0.48 -7.98 6.25
C LYS B 379 0.16 -9.14 7.00
N GLN B 380 -0.68 -9.84 7.73
CA GLN B 380 -0.27 -11.00 8.52
C GLN B 380 0.23 -12.14 7.62
N TYR B 381 1.30 -12.80 8.08
CA TYR B 381 1.86 -13.94 7.37
C TYR B 381 2.38 -14.90 8.43
N ARG B 382 1.90 -16.14 8.41
CA ARG B 382 2.31 -17.12 9.42
C ARG B 382 2.44 -18.54 8.88
N GLY B 383 3.24 -19.34 9.56
CA GLY B 383 3.41 -20.72 9.15
C GLY B 383 2.15 -21.51 9.47
N MET B 384 1.86 -22.55 8.69
CA MET B 384 0.68 -23.37 8.92
C MET B 384 0.90 -24.25 10.14
N GLY B 385 2.16 -24.33 10.56
CA GLY B 385 2.50 -25.11 11.74
C GLY B 385 2.75 -24.18 12.91
N SER B 386 2.23 -22.96 12.83
CA SER B 386 2.39 -21.99 13.91
C SER B 386 1.22 -22.13 14.86
N LEU B 387 1.37 -21.63 16.09
CA LEU B 387 0.30 -21.72 17.07
C LEU B 387 -0.94 -20.97 16.57
N GLY B 388 -0.72 -19.83 15.94
CA GLY B 388 -1.83 -19.04 15.43
C GLY B 388 -2.65 -19.73 14.35
N ALA B 389 -2.01 -20.59 13.57
CA ALA B 389 -2.71 -21.31 12.51
C ALA B 389 -3.51 -22.47 13.11
N MET B 390 -2.88 -23.23 13.99
CA MET B 390 -3.51 -24.37 14.64
C MET B 390 -4.66 -23.94 15.57
N MET B 391 -4.63 -22.69 16.00
CA MET B 391 -5.67 -22.17 16.90
C MET B 391 -6.83 -21.57 16.10
N LYS B 392 -7.03 -22.07 14.89
CA LYS B 392 -8.11 -21.57 14.04
C LYS B 392 -9.28 -22.55 13.97
N TYR B 403 -8.68 -27.57 12.76
CA TYR B 403 -9.01 -28.06 11.43
C TYR B 403 -7.99 -29.08 10.91
N MET B 404 -6.72 -28.68 10.94
CA MET B 404 -5.64 -29.54 10.45
C MET B 404 -5.28 -30.68 11.40
N LYS B 405 -5.72 -30.57 12.65
CA LYS B 405 -5.47 -31.60 13.65
C LYS B 405 -4.08 -32.22 13.54
N THR B 406 -3.05 -31.37 13.52
CA THR B 406 -1.67 -31.85 13.40
C THR B 406 -1.25 -32.67 14.62
N ARG B 407 -0.43 -33.69 14.39
CA ARG B 407 0.04 -34.56 15.48
C ARG B 407 1.46 -34.18 15.94
N LYS B 408 1.75 -32.88 15.95
CA LYS B 408 3.06 -32.41 16.38
C LYS B 408 2.98 -31.81 17.78
N PHE B 409 3.98 -32.09 18.60
CA PHE B 409 4.01 -31.58 19.98
C PHE B 409 4.34 -30.10 20.03
N VAL B 410 5.17 -29.64 19.10
CA VAL B 410 5.57 -28.25 19.08
C VAL B 410 5.49 -27.66 17.68
N PRO B 411 5.25 -26.34 17.57
CA PRO B 411 5.15 -25.71 16.26
C PRO B 411 6.49 -25.67 15.50
N GLU B 412 6.41 -25.62 14.18
CA GLU B 412 7.60 -25.56 13.35
C GLU B 412 7.51 -24.36 12.39
N GLY B 413 6.77 -23.34 12.84
CA GLY B 413 6.60 -22.13 12.07
C GLY B 413 6.30 -20.96 13.00
N VAL B 414 6.57 -19.74 12.55
CA VAL B 414 6.32 -18.56 13.34
C VAL B 414 5.28 -17.67 12.68
N GLU B 415 4.90 -16.61 13.38
CA GLU B 415 3.92 -15.67 12.87
C GLU B 415 4.63 -14.33 12.71
N GLY B 416 4.23 -13.57 11.70
CA GLY B 416 4.83 -12.29 11.47
C GLY B 416 4.00 -11.49 10.49
N VAL B 417 4.58 -10.40 9.98
CA VAL B 417 3.89 -9.56 9.01
C VAL B 417 4.85 -9.23 7.87
N VAL B 418 4.28 -8.88 6.72
CA VAL B 418 5.07 -8.49 5.57
C VAL B 418 4.44 -7.20 5.06
N PRO B 419 5.25 -6.28 4.51
CA PRO B 419 4.68 -5.02 4.02
C PRO B 419 3.67 -5.23 2.88
N TYR B 420 2.70 -4.32 2.77
CA TYR B 420 1.70 -4.42 1.71
C TYR B 420 2.48 -4.37 0.39
N ARG B 421 2.23 -5.33 -0.49
CA ARG B 421 2.95 -5.42 -1.77
C ARG B 421 2.17 -4.90 -2.96
N GLY B 422 0.88 -4.67 -2.76
CA GLY B 422 0.06 -4.21 -3.86
C GLY B 422 -0.76 -5.38 -4.36
N THR B 423 -1.09 -5.37 -5.65
CA THR B 423 -1.91 -6.44 -6.20
C THR B 423 -1.09 -7.64 -6.69
N VAL B 424 -1.73 -8.79 -6.71
CA VAL B 424 -1.10 -10.03 -7.17
C VAL B 424 -0.58 -9.84 -8.60
N SER B 425 -1.32 -9.07 -9.39
CA SER B 425 -0.95 -8.81 -10.77
C SER B 425 0.38 -8.08 -10.86
N GLU B 426 0.56 -7.05 -10.03
CA GLU B 426 1.79 -6.26 -10.02
C GLU B 426 2.98 -7.10 -9.55
N VAL B 427 2.77 -7.93 -8.53
CA VAL B 427 3.86 -8.76 -8.03
C VAL B 427 4.31 -9.76 -9.09
N LEU B 428 3.35 -10.48 -9.66
CA LEU B 428 3.68 -11.48 -10.68
C LEU B 428 4.34 -10.85 -11.91
N TYR B 429 3.96 -9.61 -12.21
CA TYR B 429 4.55 -8.92 -13.35
C TYR B 429 6.05 -8.74 -13.13
N GLN B 430 6.43 -8.38 -11.90
CA GLN B 430 7.84 -8.19 -11.58
C GLN B 430 8.60 -9.50 -11.55
N LEU B 431 8.02 -10.52 -10.93
CA LEU B 431 8.69 -11.82 -10.84
C LEU B 431 8.90 -12.42 -12.23
N VAL B 432 7.86 -12.37 -13.05
CA VAL B 432 7.96 -12.92 -14.40
C VAL B 432 8.90 -12.07 -15.27
N GLY B 433 8.88 -10.76 -15.05
CA GLY B 433 9.75 -9.89 -15.80
C GLY B 433 11.20 -10.22 -15.49
N GLY B 434 11.49 -10.49 -14.22
CA GLY B 434 12.85 -10.83 -13.82
C GLY B 434 13.26 -12.18 -14.37
N LEU B 435 12.32 -13.13 -14.40
CA LEU B 435 12.58 -14.46 -14.91
C LEU B 435 12.95 -14.39 -16.40
N LYS B 436 12.22 -13.59 -17.17
CA LYS B 436 12.48 -13.47 -18.60
C LYS B 436 13.83 -12.82 -18.87
N ALA B 437 14.24 -11.92 -17.98
CA ALA B 437 15.53 -11.27 -18.14
C ALA B 437 16.62 -12.32 -17.93
N GLY B 438 16.51 -13.06 -16.83
CA GLY B 438 17.49 -14.11 -16.57
C GLY B 438 17.56 -15.11 -17.70
N MET B 439 16.41 -15.53 -18.20
CA MET B 439 16.39 -16.50 -19.29
C MET B 439 17.05 -15.92 -20.54
N GLY B 440 16.84 -14.63 -20.79
CA GLY B 440 17.46 -13.98 -21.92
C GLY B 440 18.97 -13.99 -21.77
N TYR B 441 19.45 -13.69 -20.56
CA TYR B 441 20.88 -13.67 -20.26
C TYR B 441 21.57 -15.01 -20.46
N VAL B 442 20.86 -16.11 -20.30
CA VAL B 442 21.47 -17.43 -20.48
C VAL B 442 21.12 -18.03 -21.85
N GLY B 443 20.39 -17.26 -22.65
CA GLY B 443 20.00 -17.71 -23.97
C GLY B 443 18.87 -18.73 -24.01
N ALA B 444 18.04 -18.77 -22.98
CA ALA B 444 16.92 -19.71 -22.93
C ALA B 444 15.67 -19.11 -23.53
N ARG B 445 15.17 -19.73 -24.59
CA ARG B 445 13.97 -19.24 -25.26
C ARG B 445 12.70 -19.72 -24.54
N ASN B 446 12.83 -20.79 -23.76
CA ASN B 446 11.68 -21.32 -23.02
C ASN B 446 12.14 -22.05 -21.77
N ILE B 447 11.22 -22.47 -20.93
CA ILE B 447 11.58 -23.13 -19.68
C ILE B 447 12.45 -24.35 -19.89
N ARG B 448 12.18 -25.13 -20.94
CA ARG B 448 12.97 -26.31 -21.20
C ARG B 448 14.44 -25.96 -21.45
N GLU B 449 14.68 -24.88 -22.20
CA GLU B 449 16.04 -24.47 -22.49
C GLU B 449 16.77 -24.00 -21.23
N LEU B 450 16.06 -23.31 -20.35
CA LEU B 450 16.68 -22.86 -19.11
C LEU B 450 17.23 -24.06 -18.33
N LYS B 451 16.44 -25.12 -18.23
CA LYS B 451 16.87 -26.32 -17.51
C LYS B 451 18.06 -26.97 -18.21
N GLU B 452 18.13 -26.83 -19.53
CA GLU B 452 19.22 -27.42 -20.30
C GLU B 452 20.50 -26.60 -20.23
N LYS B 453 20.40 -25.32 -20.56
CA LYS B 453 21.54 -24.42 -20.61
C LYS B 453 22.05 -23.78 -19.32
N GLY B 454 21.16 -23.49 -18.38
CA GLY B 454 21.58 -22.87 -17.13
C GLY B 454 22.77 -23.55 -16.47
N GLU B 455 23.84 -22.79 -16.27
CA GLU B 455 25.05 -23.29 -15.64
C GLU B 455 25.41 -22.36 -14.48
N PHE B 456 25.90 -22.94 -13.40
CA PHE B 456 26.22 -22.18 -12.19
C PHE B 456 27.68 -21.89 -11.89
N VAL B 457 27.87 -20.90 -11.03
CA VAL B 457 29.19 -20.53 -10.51
C VAL B 457 28.93 -20.41 -9.02
N ILE B 458 29.78 -21.03 -8.20
CA ILE B 458 29.63 -20.99 -6.75
C ILE B 458 30.27 -19.71 -6.21
N ILE B 459 29.54 -18.98 -5.37
CA ILE B 459 30.10 -17.75 -4.82
C ILE B 459 30.23 -17.76 -3.30
N THR B 460 31.13 -16.91 -2.80
CA THR B 460 31.37 -16.82 -1.37
C THR B 460 30.49 -15.75 -0.73
N HIS B 461 30.61 -15.60 0.58
CA HIS B 461 29.84 -14.62 1.32
C HIS B 461 30.14 -13.20 0.80
N ALA B 462 31.41 -12.90 0.57
CA ALA B 462 31.80 -11.59 0.04
C ALA B 462 31.17 -11.42 -1.35
N GLY B 463 31.06 -12.52 -2.08
CA GLY B 463 30.46 -12.45 -3.41
C GLY B 463 28.97 -12.14 -3.30
N ILE B 464 28.34 -12.65 -2.25
CA ILE B 464 26.92 -12.40 -2.03
C ILE B 464 26.72 -10.92 -1.73
N LYS B 465 27.64 -10.35 -0.96
CA LYS B 465 27.56 -8.94 -0.61
C LYS B 465 27.73 -8.06 -1.84
N GLU B 466 28.64 -8.43 -2.73
CA GLU B 466 28.85 -7.63 -3.94
C GLU B 466 27.67 -7.74 -4.92
N SER B 467 26.88 -8.81 -4.78
CA SER B 467 25.74 -9.01 -5.68
C SER B 467 24.55 -8.10 -5.38
N HIS B 468 24.37 -7.77 -4.11
CA HIS B 468 23.28 -6.87 -3.71
C HIS B 468 23.84 -5.46 -3.84
N PRO B 469 22.96 -4.45 -3.86
CA PRO B 469 23.49 -3.10 -3.98
C PRO B 469 24.39 -2.86 -2.77
N HIS B 470 25.45 -2.07 -2.94
CA HIS B 470 26.35 -1.83 -1.83
C HIS B 470 27.02 -0.47 -1.88
N ASP B 471 27.49 -0.03 -0.71
CA ASP B 471 28.18 1.24 -0.57
C ASP B 471 27.38 2.42 -1.08
N ILE B 472 26.12 2.47 -0.69
CA ILE B 472 25.26 3.56 -1.08
C ILE B 472 24.03 3.62 -0.18
N ILE B 473 23.50 4.84 -0.03
CA ILE B 473 22.31 5.04 0.78
C ILE B 473 21.16 5.02 -0.22
N ILE B 474 20.41 3.93 -0.24
CA ILE B 474 19.32 3.76 -1.20
C ILE B 474 18.14 4.70 -0.92
N THR B 475 17.65 5.33 -2.01
CA THR B 475 16.53 6.25 -1.87
C THR B 475 15.28 5.72 -2.60
N ASN B 476 15.52 4.78 -3.54
CA ASN B 476 14.38 4.24 -4.28
C ASN B 476 14.63 2.80 -4.77
N GLU B 477 13.65 1.92 -4.44
CA GLU B 477 13.71 0.50 -4.81
C GLU B 477 14.83 -0.26 -4.11
N ALA B 478 14.83 -0.16 -2.78
CA ALA B 478 15.73 -0.99 -1.98
C ALA B 478 15.04 -2.28 -1.54
P XMP C . 0.78 19.65 5.71
O1P XMP C . 1.17 19.61 7.25
O2P XMP C . -0.68 19.04 5.48
O5' XMP C . 0.85 21.19 5.26
O3P XMP C . 1.78 18.86 4.97
C5' XMP C . 0.45 21.38 3.92
C4' XMP C . 0.56 22.88 3.65
O4' XMP C . 1.96 23.32 3.71
C1' XMP C . 2.13 24.44 2.78
N9 XMP C . 3.43 24.34 2.07
C4 XMP C . 4.60 25.00 2.34
N3 XMP C . 5.00 25.93 3.30
N1 XMP C . 7.20 26.03 2.40
C2 XMP C . 6.27 26.42 3.31
O2 XMP C . 6.57 27.23 4.16
C6 XMP C . 6.90 25.12 1.43
O6 XMP C . 7.75 24.76 0.62
C5 XMP C . 5.53 24.56 1.37
N7 XMP C . 4.91 23.67 0.58
C8 XMP C . 3.69 23.53 0.96
C2' XMP C . 0.99 24.38 1.74
O2' XMP C . 0.30 25.60 2.08
C3' XMP C . 0.05 23.28 2.25
O3' XMP C . -1.32 23.71 2.22
P XMP D . 8.10 -18.96 1.62
O1P XMP D . 9.67 -18.70 1.74
O2P XMP D . 7.59 -18.57 0.16
O5' XMP D . 7.85 -20.51 1.93
O3P XMP D . 7.42 -18.12 2.63
C5' XMP D . 6.47 -20.84 1.76
C4' XMP D . 6.30 -22.34 2.07
O4' XMP D . 6.58 -22.63 3.48
C1' XMP D . 5.74 -23.77 3.88
N9 XMP D . 5.24 -23.62 5.26
C4 XMP D . 5.77 -24.14 6.39
N3 XMP D . 6.87 -24.95 6.67
N1 XMP D . 6.40 -24.93 9.00
C2 XMP D . 7.17 -25.32 7.94
O2 XMP D . 8.13 -26.03 8.14
C6 XMP D . 5.30 -24.13 8.82
O6 XMP D . 4.62 -23.78 9.78
C5 XMP D . 4.95 -23.71 7.46
N7 XMP D . 3.97 -22.96 6.93
C8 XMP D . 4.13 -22.90 5.64
C2' XMP D . 4.55 -23.86 2.90
O2' XMP D . 4.84 -25.13 2.31
C3' XMP D . 4.89 -22.84 1.80
O3' XMP D . 4.70 -23.41 0.50
#